data_1APF
#
_entry.id   1APF
#
_cell.length_a   1.000
_cell.length_b   1.000
_cell.length_c   1.000
_cell.angle_alpha   90.00
_cell.angle_beta   90.00
_cell.angle_gamma   90.00
#
_symmetry.space_group_name_H-M   'P 1'
#
_entity_poly.entity_id   1
_entity_poly.type   'polypeptide(L)'
_entity_poly.pdbx_seq_one_letter_code
;GVPCLCDSDGPRPRGNTLSGILWFYPSGCPSGWHNCKAHGPNIGWCCKK
;
_entity_poly.pdbx_strand_id   A
#
# COMPACT_ATOMS: atom_id res chain seq x y z
N GLY A 1 2.97 -11.94 -2.14
CA GLY A 1 2.70 -10.48 -2.32
C GLY A 1 3.97 -9.66 -2.09
N VAL A 2 3.90 -8.38 -2.36
CA VAL A 2 5.09 -7.49 -2.17
C VAL A 2 4.69 -6.35 -1.21
N PRO A 3 5.57 -5.93 -0.33
CA PRO A 3 5.44 -4.66 0.42
C PRO A 3 5.91 -3.48 -0.44
N CYS A 4 5.24 -2.37 -0.34
CA CYS A 4 5.64 -1.17 -1.14
C CYS A 4 5.59 0.11 -0.32
N LEU A 5 6.13 1.15 -0.89
CA LEU A 5 6.17 2.50 -0.23
C LEU A 5 4.83 3.19 -0.54
N CYS A 6 4.37 3.99 0.38
CA CYS A 6 3.09 4.71 0.21
C CYS A 6 3.05 6.24 0.41
N ASP A 7 1.84 6.72 0.50
CA ASP A 7 1.58 8.19 0.69
C ASP A 7 1.87 8.65 2.11
N SER A 8 1.15 8.12 3.06
CA SER A 8 1.38 8.53 4.47
C SER A 8 2.50 7.64 5.06
N ASP A 9 3.21 7.01 4.16
CA ASP A 9 4.34 6.10 4.50
C ASP A 9 5.47 6.98 5.07
N GLY A 10 5.26 7.31 6.31
CA GLY A 10 6.23 8.16 7.06
C GLY A 10 6.11 7.80 8.55
N PRO A 11 5.14 8.32 9.25
CA PRO A 11 4.95 8.12 10.72
C PRO A 11 4.50 6.69 11.11
N ARG A 12 4.83 5.72 10.32
CA ARG A 12 4.42 4.32 10.64
C ARG A 12 5.50 3.57 11.45
N PRO A 13 5.09 2.59 12.22
CA PRO A 13 5.98 1.76 13.10
C PRO A 13 6.84 0.77 12.29
N ARG A 14 7.09 -0.39 12.84
CA ARG A 14 7.91 -1.41 12.12
C ARG A 14 7.51 -1.48 10.64
N GLY A 15 8.51 -1.55 9.79
CA GLY A 15 8.26 -1.60 8.32
C GLY A 15 8.37 -0.18 7.73
N ASN A 16 7.88 0.77 8.47
CA ASN A 16 7.85 2.23 8.14
C ASN A 16 7.79 2.61 6.65
N THR A 17 8.83 2.27 5.94
CA THR A 17 8.90 2.59 4.49
C THR A 17 8.41 1.48 3.58
N LEU A 18 7.88 0.49 4.23
CA LEU A 18 7.33 -0.74 3.56
C LEU A 18 6.22 -1.37 4.42
N SER A 19 5.50 -0.56 5.17
CA SER A 19 4.41 -1.15 6.02
C SER A 19 3.06 -1.23 5.30
N GLY A 20 3.11 -1.66 4.06
CA GLY A 20 1.87 -1.78 3.24
C GLY A 20 2.14 -2.80 2.13
N ILE A 21 1.14 -3.50 1.67
CA ILE A 21 1.33 -4.51 0.59
C ILE A 21 0.58 -4.03 -0.67
N LEU A 22 1.03 -4.43 -1.83
CA LEU A 22 0.30 -3.97 -3.05
C LEU A 22 -0.99 -4.78 -3.18
N TRP A 23 -2.02 -4.22 -3.78
CA TRP A 23 -3.28 -4.96 -3.93
C TRP A 23 -3.98 -4.98 -5.28
N PHE A 24 -4.27 -6.21 -5.56
CA PHE A 24 -4.94 -6.60 -6.81
C PHE A 24 -6.46 -6.58 -6.66
N TYR A 25 -6.95 -5.46 -6.21
CA TYR A 25 -8.43 -5.32 -6.03
C TYR A 25 -9.00 -4.09 -6.76
N PRO A 26 -9.92 -4.31 -7.65
CA PRO A 26 -10.53 -3.24 -8.49
C PRO A 26 -11.32 -2.25 -7.64
N SER A 27 -11.67 -2.69 -6.46
CA SER A 27 -12.44 -1.84 -5.51
C SER A 27 -11.51 -1.11 -4.53
N GLY A 28 -10.23 -1.16 -4.83
CA GLY A 28 -9.21 -0.48 -3.96
C GLY A 28 -8.57 -1.59 -3.13
N CYS A 29 -8.63 -1.47 -1.83
CA CYS A 29 -8.05 -2.51 -0.94
C CYS A 29 -9.13 -3.57 -0.67
N PRO A 30 -8.73 -4.81 -0.48
CA PRO A 30 -9.67 -5.88 -0.05
C PRO A 30 -10.11 -5.79 1.43
N SER A 31 -11.12 -6.55 1.73
CA SER A 31 -11.67 -6.60 3.11
C SER A 31 -10.57 -6.92 4.11
N GLY A 32 -10.32 -5.94 4.95
CA GLY A 32 -9.27 -6.08 6.01
C GLY A 32 -8.10 -5.15 5.79
N TRP A 33 -8.10 -4.49 4.66
CA TRP A 33 -7.00 -3.54 4.33
C TRP A 33 -7.59 -2.15 4.38
N HIS A 34 -6.76 -1.15 4.40
CA HIS A 34 -7.33 0.24 4.45
C HIS A 34 -6.50 1.29 3.67
N ASN A 35 -5.85 0.81 2.65
CA ASN A 35 -4.98 1.63 1.73
C ASN A 35 -3.73 2.23 2.40
N CYS A 36 -2.74 2.41 1.57
CA CYS A 36 -1.44 2.98 2.00
C CYS A 36 -1.09 4.12 1.02
N LYS A 37 -1.26 3.82 -0.24
CA LYS A 37 -0.97 4.79 -1.32
C LYS A 37 -2.27 5.07 -2.09
N ALA A 38 -2.83 6.22 -1.79
CA ALA A 38 -4.09 6.65 -2.46
C ALA A 38 -3.69 7.24 -3.82
N HIS A 39 -2.57 6.82 -4.32
CA HIS A 39 -2.05 7.31 -5.64
C HIS A 39 -1.65 6.10 -6.49
N GLY A 40 -2.02 4.92 -6.04
CA GLY A 40 -1.68 3.67 -6.79
C GLY A 40 -0.93 2.69 -5.87
N PRO A 41 0.04 1.98 -6.39
CA PRO A 41 0.51 1.98 -7.82
C PRO A 41 -0.59 1.40 -8.74
N ASN A 42 -0.29 1.23 -10.01
CA ASN A 42 -1.30 0.70 -10.95
C ASN A 42 -1.11 -0.77 -10.96
N ILE A 43 -0.05 -1.19 -10.32
CA ILE A 43 0.21 -2.64 -10.30
C ILE A 43 -0.38 -3.23 -8.99
N GLY A 44 -1.46 -2.60 -8.63
CA GLY A 44 -2.24 -2.94 -7.42
C GLY A 44 -2.13 -1.77 -6.46
N TRP A 45 -3.23 -1.40 -5.88
CA TRP A 45 -3.22 -0.25 -4.91
C TRP A 45 -2.35 -0.66 -3.73
N CYS A 46 -1.45 0.14 -3.23
CA CYS A 46 -0.67 -0.37 -2.08
C CYS A 46 -1.50 0.04 -0.89
N CYS A 47 -1.80 -0.99 -0.17
CA CYS A 47 -2.62 -0.88 1.05
C CYS A 47 -1.86 -1.53 2.17
N LYS A 48 -2.53 -1.71 3.27
CA LYS A 48 -1.88 -2.37 4.39
C LYS A 48 -2.99 -3.02 5.16
N LYS A 49 -2.59 -3.78 6.13
CA LYS A 49 -3.60 -4.49 6.96
C LYS A 49 -3.95 -3.53 8.12
N GLY A 1 1.63 -10.66 -1.80
CA GLY A 1 2.20 -9.81 -2.89
C GLY A 1 3.52 -9.20 -2.41
N VAL A 2 3.97 -8.18 -3.08
CA VAL A 2 5.26 -7.56 -2.65
C VAL A 2 4.83 -6.49 -1.63
N PRO A 3 5.57 -6.32 -0.57
CA PRO A 3 5.37 -5.19 0.39
C PRO A 3 5.75 -3.89 -0.33
N CYS A 4 5.13 -2.78 0.01
CA CYS A 4 5.49 -1.52 -0.69
C CYS A 4 5.52 -0.27 0.20
N LEU A 5 5.94 0.80 -0.44
CA LEU A 5 6.05 2.13 0.22
C LEU A 5 4.85 2.90 -0.32
N CYS A 6 4.34 3.81 0.47
CA CYS A 6 3.15 4.58 0.02
C CYS A 6 3.21 6.08 0.21
N ASP A 7 2.03 6.66 0.14
CA ASP A 7 1.81 8.13 0.30
C ASP A 7 2.93 8.79 1.14
N SER A 8 3.28 8.17 2.23
CA SER A 8 4.35 8.71 3.12
C SER A 8 5.71 8.26 2.53
N ASP A 9 5.83 8.48 1.26
CA ASP A 9 7.04 8.11 0.48
C ASP A 9 7.85 9.39 0.21
N GLY A 10 7.32 10.20 -0.66
CA GLY A 10 8.03 11.47 -1.01
C GLY A 10 9.24 11.12 -1.88
N PRO A 11 9.87 12.11 -2.47
CA PRO A 11 11.08 11.93 -3.34
C PRO A 11 12.35 11.58 -2.53
N ARG A 12 12.14 11.16 -1.32
CA ARG A 12 13.27 10.79 -0.42
C ARG A 12 13.03 9.39 0.21
N PRO A 13 12.87 8.39 -0.62
CA PRO A 13 12.57 6.98 -0.20
C PRO A 13 13.81 6.31 0.43
N ARG A 14 14.22 6.88 1.53
CA ARG A 14 15.42 6.37 2.28
C ARG A 14 15.17 4.99 2.89
N GLY A 15 16.20 4.20 2.94
CA GLY A 15 16.10 2.82 3.52
C GLY A 15 15.05 1.88 2.92
N ASN A 16 14.14 2.37 2.11
CA ASN A 16 13.09 1.49 1.48
C ASN A 16 12.33 0.69 2.59
N THR A 17 11.41 1.35 3.25
CA THR A 17 10.66 0.62 4.33
C THR A 17 9.42 -0.07 3.76
N LEU A 18 8.78 -0.83 4.61
CA LEU A 18 7.57 -1.60 4.22
C LEU A 18 6.44 -1.35 5.24
N SER A 19 5.48 -0.55 4.87
CA SER A 19 4.34 -0.27 5.83
C SER A 19 3.01 -0.82 5.32
N GLY A 20 3.04 -1.44 4.16
CA GLY A 20 1.79 -2.00 3.58
C GLY A 20 2.15 -2.97 2.46
N ILE A 21 1.16 -3.56 1.85
CA ILE A 21 1.40 -4.53 0.74
C ILE A 21 0.61 -4.07 -0.49
N LEU A 22 1.13 -4.36 -1.66
CA LEU A 22 0.39 -3.93 -2.89
C LEU A 22 -0.89 -4.76 -3.09
N TRP A 23 -1.91 -4.18 -3.65
CA TRP A 23 -3.18 -4.94 -3.87
C TRP A 23 -3.87 -4.93 -5.21
N PHE A 24 -4.12 -6.16 -5.51
CA PHE A 24 -4.79 -6.60 -6.75
C PHE A 24 -6.32 -6.61 -6.63
N TYR A 25 -6.89 -5.54 -6.14
CA TYR A 25 -8.36 -5.49 -6.01
C TYR A 25 -8.95 -4.31 -6.80
N PRO A 26 -9.96 -4.62 -7.58
CA PRO A 26 -10.69 -3.65 -8.44
C PRO A 26 -11.51 -2.68 -7.58
N SER A 27 -11.83 -3.12 -6.40
CA SER A 27 -12.63 -2.28 -5.46
C SER A 27 -11.72 -1.49 -4.51
N GLY A 28 -10.46 -1.43 -4.85
CA GLY A 28 -9.46 -0.69 -4.02
C GLY A 28 -8.73 -1.76 -3.20
N CYS A 29 -8.71 -1.61 -1.91
CA CYS A 29 -8.03 -2.62 -1.05
C CYS A 29 -9.04 -3.72 -0.72
N PRO A 30 -8.56 -4.92 -0.47
CA PRO A 30 -9.42 -6.04 -0.01
C PRO A 30 -9.87 -5.90 1.46
N SER A 31 -10.83 -6.73 1.76
CA SER A 31 -11.47 -6.81 3.10
C SER A 31 -10.43 -6.98 4.21
N GLY A 32 -10.25 -5.93 4.96
CA GLY A 32 -9.28 -5.94 6.10
C GLY A 32 -8.12 -4.99 5.87
N TRP A 33 -8.08 -4.43 4.69
CA TRP A 33 -6.99 -3.47 4.35
C TRP A 33 -7.63 -2.10 4.34
N HIS A 34 -6.83 -1.07 4.32
CA HIS A 34 -7.46 0.29 4.33
C HIS A 34 -6.65 1.34 3.54
N ASN A 35 -6.03 0.85 2.49
CA ASN A 35 -5.18 1.67 1.56
C ASN A 35 -3.97 2.34 2.22
N CYS A 36 -2.91 2.39 1.46
CA CYS A 36 -1.66 2.99 1.94
C CYS A 36 -1.29 4.12 1.00
N LYS A 37 -1.46 3.88 -0.27
CA LYS A 37 -1.13 4.92 -1.28
C LYS A 37 -2.46 5.21 -1.98
N ALA A 38 -2.91 6.44 -1.82
CA ALA A 38 -4.19 6.88 -2.44
C ALA A 38 -3.85 7.43 -3.83
N HIS A 39 -2.62 7.24 -4.21
CA HIS A 39 -2.17 7.74 -5.55
C HIS A 39 -1.39 6.66 -6.29
N GLY A 40 -1.96 5.48 -6.34
CA GLY A 40 -1.30 4.34 -7.04
C GLY A 40 -0.85 3.22 -6.11
N PRO A 41 -0.02 2.34 -6.60
CA PRO A 41 0.46 2.27 -8.01
C PRO A 41 -0.64 1.72 -8.95
N ASN A 42 -0.28 1.50 -10.19
CA ASN A 42 -1.26 0.99 -11.17
C ASN A 42 -1.12 -0.49 -11.10
N ILE A 43 -0.07 -0.93 -10.43
CA ILE A 43 0.13 -2.37 -10.34
C ILE A 43 -0.51 -3.01 -9.11
N GLY A 44 -1.55 -2.35 -8.70
CA GLY A 44 -2.36 -2.75 -7.53
C GLY A 44 -2.26 -1.67 -6.46
N TRP A 45 -3.39 -1.27 -5.96
CA TRP A 45 -3.42 -0.18 -4.91
C TRP A 45 -2.49 -0.62 -3.77
N CYS A 46 -1.59 0.18 -3.27
CA CYS A 46 -0.76 -0.37 -2.17
C CYS A 46 -1.62 0.00 -1.00
N CYS A 47 -1.78 -1.00 -0.21
CA CYS A 47 -2.61 -0.90 1.01
C CYS A 47 -1.88 -1.51 2.17
N LYS A 48 -2.58 -1.59 3.27
CA LYS A 48 -1.96 -2.19 4.45
C LYS A 48 -3.04 -2.81 5.28
N LYS A 49 -2.59 -3.48 6.28
CA LYS A 49 -3.53 -4.19 7.23
C LYS A 49 -3.94 -3.25 8.39
N GLY A 1 0.66 -8.27 -2.65
CA GLY A 1 1.45 -9.29 -1.90
C GLY A 1 2.84 -8.79 -1.51
N VAL A 2 3.39 -7.97 -2.34
CA VAL A 2 4.76 -7.40 -2.08
C VAL A 2 4.55 -6.11 -1.27
N PRO A 3 5.48 -5.73 -0.43
CA PRO A 3 5.55 -4.36 0.13
C PRO A 3 6.04 -3.23 -0.79
N CYS A 4 5.32 -2.13 -0.75
CA CYS A 4 5.66 -0.93 -1.57
C CYS A 4 5.70 0.28 -0.63
N LEU A 5 6.10 1.42 -1.15
CA LEU A 5 6.18 2.67 -0.33
C LEU A 5 4.80 3.31 -0.52
N CYS A 6 4.34 3.99 0.49
CA CYS A 6 3.01 4.64 0.41
C CYS A 6 2.97 6.12 0.78
N ASP A 7 1.76 6.60 0.87
CA ASP A 7 1.53 8.02 1.23
C ASP A 7 1.60 8.14 2.74
N SER A 8 0.66 7.55 3.42
CA SER A 8 0.69 7.62 4.92
C SER A 8 1.95 6.88 5.45
N ASP A 9 2.63 6.22 4.56
CA ASP A 9 3.87 5.45 4.92
C ASP A 9 4.93 6.44 5.44
N GLY A 10 4.77 7.67 5.03
CA GLY A 10 5.72 8.72 5.46
C GLY A 10 6.86 8.77 4.42
N PRO A 11 7.26 9.95 4.01
CA PRO A 11 8.21 10.18 2.89
C PRO A 11 9.65 9.98 3.37
N ARG A 12 9.85 8.95 4.14
CA ARG A 12 11.22 8.66 4.67
C ARG A 12 12.04 7.75 3.74
N PRO A 13 13.27 8.12 3.46
CA PRO A 13 14.21 7.40 2.53
C PRO A 13 14.77 6.11 3.15
N ARG A 14 13.86 5.24 3.46
CA ARG A 14 14.21 3.92 4.08
C ARG A 14 14.35 2.87 2.99
N GLY A 15 15.35 2.03 3.08
CA GLY A 15 15.53 0.97 2.03
C GLY A 15 14.61 -0.22 2.26
N ASN A 16 13.77 -0.12 3.25
CA ASN A 16 12.82 -1.23 3.56
C ASN A 16 11.52 -0.60 4.10
N THR A 17 10.78 -0.03 3.20
CA THR A 17 9.49 0.63 3.54
C THR A 17 8.33 -0.37 3.50
N LEU A 18 8.52 -1.45 4.20
CA LEU A 18 7.49 -2.51 4.25
C LEU A 18 6.34 -1.96 5.14
N SER A 19 5.58 -1.07 4.57
CA SER A 19 4.44 -0.43 5.31
C SER A 19 3.19 -0.35 4.41
N GLY A 20 3.13 -1.20 3.42
CA GLY A 20 1.96 -1.19 2.50
C GLY A 20 2.08 -2.38 1.59
N ILE A 21 1.13 -3.28 1.57
CA ILE A 21 1.32 -4.44 0.64
C ILE A 21 0.56 -4.05 -0.62
N LEU A 22 1.11 -4.29 -1.78
CA LEU A 22 0.35 -3.90 -3.00
C LEU A 22 -0.88 -4.78 -3.05
N TRP A 23 -1.95 -4.27 -3.61
CA TRP A 23 -3.20 -5.06 -3.69
C TRP A 23 -3.88 -5.08 -5.02
N PHE A 24 -4.25 -6.28 -5.29
CA PHE A 24 -4.94 -6.69 -6.54
C PHE A 24 -6.47 -6.60 -6.50
N TYR A 25 -6.99 -5.56 -5.90
CA TYR A 25 -8.47 -5.42 -5.84
C TYR A 25 -8.85 -4.24 -6.67
N PRO A 26 -9.65 -4.47 -7.68
CA PRO A 26 -9.94 -3.45 -8.70
C PRO A 26 -10.62 -2.22 -8.06
N SER A 27 -11.18 -2.45 -6.91
CA SER A 27 -11.88 -1.38 -6.13
C SER A 27 -11.01 -0.75 -5.04
N GLY A 28 -9.76 -1.15 -4.96
CA GLY A 28 -8.83 -0.61 -3.94
C GLY A 28 -8.24 -1.77 -3.16
N CYS A 29 -8.43 -1.75 -1.87
CA CYS A 29 -7.91 -2.82 -0.99
C CYS A 29 -8.99 -3.88 -0.75
N PRO A 30 -8.60 -5.08 -0.37
CA PRO A 30 -9.53 -6.14 0.08
C PRO A 30 -10.02 -6.00 1.53
N SER A 31 -10.82 -6.96 1.90
CA SER A 31 -11.44 -7.04 3.24
C SER A 31 -10.40 -7.08 4.37
N GLY A 32 -10.26 -5.96 5.04
CA GLY A 32 -9.30 -5.85 6.18
C GLY A 32 -8.15 -4.89 5.91
N TRP A 33 -8.18 -4.24 4.78
CA TRP A 33 -7.12 -3.27 4.40
C TRP A 33 -7.78 -1.90 4.26
N HIS A 34 -7.01 -0.86 4.47
CA HIS A 34 -7.59 0.51 4.38
C HIS A 34 -6.61 1.44 3.63
N ASN A 35 -6.05 0.87 2.59
CA ASN A 35 -5.07 1.59 1.71
C ASN A 35 -3.80 2.08 2.45
N CYS A 36 -2.79 2.24 1.66
CA CYS A 36 -1.47 2.71 2.16
C CYS A 36 -1.16 3.92 1.29
N LYS A 37 -1.24 3.70 0.01
CA LYS A 37 -0.98 4.77 -0.98
C LYS A 37 -2.23 5.04 -1.81
N ALA A 38 -2.90 6.12 -1.51
CA ALA A 38 -4.14 6.48 -2.26
C ALA A 38 -3.70 7.18 -3.58
N HIS A 39 -2.56 6.78 -4.08
CA HIS A 39 -2.02 7.37 -5.33
C HIS A 39 -1.61 6.23 -6.27
N GLY A 40 -1.95 5.01 -5.91
CA GLY A 40 -1.60 3.83 -6.75
C GLY A 40 -0.89 2.77 -5.90
N PRO A 41 -0.06 1.97 -6.53
CA PRO A 41 0.26 1.91 -8.00
C PRO A 41 -0.89 1.31 -8.84
N ASN A 42 -0.67 1.11 -10.13
CA ASN A 42 -1.72 0.54 -11.01
C ASN A 42 -1.51 -0.92 -11.00
N ILE A 43 -0.35 -1.28 -10.51
CA ILE A 43 -0.03 -2.71 -10.46
C ILE A 43 -0.53 -3.31 -9.14
N GLY A 44 -1.58 -2.70 -8.69
CA GLY A 44 -2.28 -3.08 -7.43
C GLY A 44 -2.13 -1.92 -6.45
N TRP A 45 -3.24 -1.40 -6.00
CA TRP A 45 -3.19 -0.23 -5.04
C TRP A 45 -2.32 -0.63 -3.85
N CYS A 46 -1.47 0.21 -3.32
CA CYS A 46 -0.69 -0.32 -2.17
C CYS A 46 -1.58 0.01 -0.98
N CYS A 47 -1.81 -1.04 -0.24
CA CYS A 47 -2.68 -0.98 0.96
C CYS A 47 -2.05 -1.56 2.17
N LYS A 48 -2.76 -1.45 3.25
CA LYS A 48 -2.23 -1.99 4.47
C LYS A 48 -3.37 -2.42 5.38
N LYS A 49 -3.02 -3.36 6.18
CA LYS A 49 -4.01 -3.92 7.15
C LYS A 49 -4.14 -3.02 8.40
N GLY A 1 2.52 -11.22 -2.18
CA GLY A 1 2.43 -9.75 -2.42
C GLY A 1 3.70 -9.07 -1.88
N VAL A 2 4.11 -7.99 -2.49
CA VAL A 2 5.33 -7.26 -2.01
C VAL A 2 4.85 -6.10 -1.13
N PRO A 3 5.62 -5.72 -0.14
CA PRO A 3 5.49 -4.38 0.50
C PRO A 3 6.13 -3.26 -0.32
N CYS A 4 5.31 -2.32 -0.70
CA CYS A 4 5.79 -1.15 -1.50
C CYS A 4 5.90 0.10 -0.63
N LEU A 5 6.15 1.23 -1.27
CA LEU A 5 6.27 2.52 -0.51
C LEU A 5 4.89 3.19 -0.68
N CYS A 6 4.52 4.01 0.27
CA CYS A 6 3.20 4.68 0.17
C CYS A 6 3.20 6.17 0.44
N ASP A 7 2.01 6.67 0.53
CA ASP A 7 1.82 8.12 0.79
C ASP A 7 2.07 8.42 2.27
N SER A 8 1.25 7.86 3.09
CA SER A 8 1.38 8.07 4.56
C SER A 8 2.14 6.89 5.15
N ASP A 9 3.03 6.36 4.37
CA ASP A 9 3.86 5.19 4.80
C ASP A 9 4.94 5.63 5.82
N GLY A 10 4.44 6.08 6.94
CA GLY A 10 5.32 6.55 8.05
C GLY A 10 5.67 8.02 7.78
N PRO A 11 6.05 8.76 8.79
CA PRO A 11 6.63 10.14 8.67
C PRO A 11 8.09 10.10 8.20
N ARG A 12 8.47 9.07 7.49
CA ARG A 12 9.89 8.97 7.01
C ARG A 12 10.04 9.11 5.50
N PRO A 13 11.11 9.75 5.08
CA PRO A 13 11.54 9.82 3.66
C PRO A 13 12.11 8.48 3.17
N ARG A 14 11.26 7.50 3.23
CA ARG A 14 11.62 6.11 2.79
C ARG A 14 12.79 5.49 3.57
N GLY A 15 13.62 4.79 2.85
CA GLY A 15 14.82 4.12 3.46
C GLY A 15 14.41 2.75 3.99
N ASN A 16 13.45 2.76 4.87
CA ASN A 16 12.98 1.46 5.46
C ASN A 16 11.56 1.62 5.99
N THR A 17 10.71 2.06 5.11
CA THR A 17 9.27 2.28 5.44
C THR A 17 8.40 1.33 4.60
N LEU A 18 8.14 0.17 5.13
CA LEU A 18 7.31 -0.87 4.45
C LEU A 18 6.09 -1.12 5.32
N SER A 19 5.17 -0.17 5.30
CA SER A 19 3.92 -0.33 6.13
C SER A 19 2.69 -0.84 5.32
N GLY A 20 2.89 -1.88 4.55
CA GLY A 20 1.72 -2.42 3.75
C GLY A 20 2.10 -3.39 2.62
N ILE A 21 1.11 -3.81 1.86
CA ILE A 21 1.33 -4.76 0.72
C ILE A 21 0.56 -4.25 -0.49
N LEU A 22 1.07 -4.52 -1.66
CA LEU A 22 0.38 -4.06 -2.90
C LEU A 22 -0.94 -4.83 -3.11
N TRP A 23 -1.94 -4.19 -3.67
CA TRP A 23 -3.25 -4.87 -3.89
C TRP A 23 -3.95 -4.81 -5.24
N PHE A 24 -4.28 -6.02 -5.58
CA PHE A 24 -4.97 -6.37 -6.83
C PHE A 24 -6.50 -6.31 -6.68
N TYR A 25 -7.01 -5.23 -6.15
CA TYR A 25 -8.48 -5.11 -5.97
C TYR A 25 -9.10 -3.88 -6.66
N PRO A 26 -10.07 -4.13 -7.50
CA PRO A 26 -10.74 -3.07 -8.32
C PRO A 26 -11.47 -2.07 -7.42
N SER A 27 -11.75 -2.51 -6.23
CA SER A 27 -12.47 -1.69 -5.22
C SER A 27 -11.47 -0.96 -4.30
N GLY A 28 -10.20 -1.07 -4.63
CA GLY A 28 -9.14 -0.41 -3.83
C GLY A 28 -8.49 -1.54 -3.03
N CYS A 29 -8.65 -1.52 -1.74
CA CYS A 29 -8.07 -2.57 -0.87
C CYS A 29 -9.16 -3.62 -0.59
N PRO A 30 -8.77 -4.86 -0.44
CA PRO A 30 -9.70 -5.95 -0.05
C PRO A 30 -10.14 -5.92 1.43
N SER A 31 -11.04 -6.81 1.70
CA SER A 31 -11.63 -6.99 3.05
C SER A 31 -10.57 -7.17 4.14
N GLY A 32 -10.38 -6.13 4.92
CA GLY A 32 -9.37 -6.20 6.04
C GLY A 32 -8.17 -5.30 5.82
N TRP A 33 -8.16 -4.62 4.70
CA TRP A 33 -7.02 -3.70 4.39
C TRP A 33 -7.53 -2.28 4.47
N HIS A 34 -6.65 -1.32 4.48
CA HIS A 34 -7.19 0.08 4.56
C HIS A 34 -6.37 1.16 3.82
N ASN A 35 -5.81 0.78 2.70
CA ASN A 35 -4.98 1.70 1.84
C ASN A 35 -3.69 2.23 2.45
N CYS A 36 -2.66 2.24 1.65
CA CYS A 36 -1.34 2.73 2.09
C CYS A 36 -1.04 3.94 1.18
N LYS A 37 -1.36 3.77 -0.08
CA LYS A 37 -1.13 4.86 -1.07
C LYS A 37 -2.36 4.98 -1.99
N ALA A 38 -2.96 6.14 -1.98
CA ALA A 38 -4.16 6.39 -2.84
C ALA A 38 -3.64 7.10 -4.08
N HIS A 39 -2.45 6.73 -4.47
CA HIS A 39 -1.80 7.35 -5.67
C HIS A 39 -1.23 6.19 -6.50
N GLY A 40 -2.08 5.20 -6.69
CA GLY A 40 -1.66 4.00 -7.47
C GLY A 40 -0.95 3.03 -6.50
N PRO A 41 -0.10 2.15 -6.99
CA PRO A 41 0.31 2.00 -8.42
C PRO A 41 -0.81 1.40 -9.28
N ASN A 42 -0.46 1.10 -10.51
CA ASN A 42 -1.43 0.52 -11.47
C ASN A 42 -1.26 -0.96 -11.31
N ILE A 43 -0.16 -1.30 -10.69
CA ILE A 43 0.15 -2.71 -10.48
C ILE A 43 -0.40 -3.21 -9.14
N GLY A 44 -1.48 -2.57 -8.79
CA GLY A 44 -2.21 -2.89 -7.52
C GLY A 44 -2.04 -1.79 -6.50
N TRP A 45 -3.15 -1.20 -6.11
CA TRP A 45 -3.13 -0.09 -5.09
C TRP A 45 -2.29 -0.55 -3.90
N CYS A 46 -1.38 0.20 -3.33
CA CYS A 46 -0.65 -0.40 -2.19
C CYS A 46 -1.49 -0.04 -0.99
N CYS A 47 -1.78 -1.07 -0.25
CA CYS A 47 -2.61 -0.96 0.96
C CYS A 47 -1.95 -1.65 2.11
N LYS A 48 -2.64 -1.75 3.21
CA LYS A 48 -2.05 -2.44 4.36
C LYS A 48 -3.15 -3.03 5.19
N LYS A 49 -2.72 -3.77 6.16
CA LYS A 49 -3.70 -4.43 7.08
C LYS A 49 -3.94 -3.48 8.27
N GLY A 1 2.45 -11.44 -1.13
CA GLY A 1 2.42 -10.08 -1.73
C GLY A 1 3.70 -9.32 -1.39
N VAL A 2 3.97 -8.28 -2.13
CA VAL A 2 5.19 -7.45 -1.92
C VAL A 2 4.77 -6.21 -1.09
N PRO A 3 5.60 -5.78 -0.18
CA PRO A 3 5.49 -4.45 0.50
C PRO A 3 5.95 -3.25 -0.36
N CYS A 4 5.13 -2.24 -0.40
CA CYS A 4 5.48 -1.02 -1.21
C CYS A 4 5.53 0.29 -0.39
N LEU A 5 6.06 1.28 -1.03
CA LEU A 5 6.19 2.63 -0.39
C LEU A 5 4.83 3.30 -0.49
N CYS A 6 4.31 3.76 0.62
CA CYS A 6 2.99 4.43 0.57
C CYS A 6 3.09 5.92 0.73
N ASP A 7 1.94 6.51 0.81
CA ASP A 7 1.88 8.01 0.96
C ASP A 7 2.13 8.35 2.44
N SER A 8 1.13 8.11 3.24
CA SER A 8 1.15 8.37 4.71
C SER A 8 2.46 7.83 5.31
N ASP A 9 2.91 6.80 4.65
CA ASP A 9 4.17 6.06 4.98
C ASP A 9 5.29 7.02 5.38
N GLY A 10 5.53 8.01 4.56
CA GLY A 10 6.62 8.99 4.88
C GLY A 10 7.99 8.62 4.27
N PRO A 11 8.92 9.55 4.27
CA PRO A 11 10.22 9.50 3.52
C PRO A 11 11.30 8.66 4.24
N ARG A 12 10.85 7.56 4.78
CA ARG A 12 11.74 6.62 5.53
C ARG A 12 11.83 5.30 4.76
N PRO A 13 12.83 4.50 5.03
CA PRO A 13 12.91 3.07 4.60
C PRO A 13 11.96 2.20 5.46
N ARG A 14 11.38 1.20 4.86
CA ARG A 14 10.45 0.29 5.62
C ARG A 14 11.13 -0.58 6.70
N GLY A 15 12.14 -0.07 7.33
CA GLY A 15 12.89 -0.82 8.40
C GLY A 15 12.09 -1.19 9.65
N ASN A 16 10.79 -1.26 9.55
CA ASN A 16 9.98 -1.62 10.75
C ASN A 16 9.24 -2.90 10.41
N THR A 17 8.11 -2.80 9.76
CA THR A 17 7.36 -4.04 9.40
C THR A 17 6.59 -3.73 8.11
N LEU A 18 7.33 -3.17 7.18
CA LEU A 18 6.77 -2.78 5.85
C LEU A 18 5.77 -1.65 6.02
N SER A 19 5.67 -0.82 5.03
CA SER A 19 4.71 0.32 5.09
C SER A 19 3.33 -0.06 4.55
N GLY A 20 3.25 -1.22 3.98
CA GLY A 20 1.94 -1.70 3.41
C GLY A 20 2.25 -2.80 2.39
N ILE A 21 1.24 -3.38 1.80
CA ILE A 21 1.45 -4.46 0.78
C ILE A 21 0.66 -4.03 -0.46
N LEU A 22 1.17 -4.35 -1.61
CA LEU A 22 0.45 -3.97 -2.86
C LEU A 22 -0.85 -4.78 -2.98
N TRP A 23 -1.83 -4.23 -3.63
CA TRP A 23 -3.11 -4.94 -3.81
C TRP A 23 -3.79 -4.92 -5.16
N PHE A 24 -4.09 -6.12 -5.47
CA PHE A 24 -4.76 -6.56 -6.71
C PHE A 24 -6.28 -6.56 -6.56
N TYR A 25 -6.81 -5.46 -6.11
CA TYR A 25 -8.27 -5.35 -5.93
C TYR A 25 -8.79 -4.13 -6.70
N PRO A 26 -9.90 -4.30 -7.36
CA PRO A 26 -10.59 -3.23 -8.13
C PRO A 26 -11.12 -2.20 -7.14
N SER A 27 -11.44 -2.69 -5.98
CA SER A 27 -11.99 -1.88 -4.86
C SER A 27 -10.83 -1.28 -4.05
N GLY A 28 -9.74 -1.00 -4.73
CA GLY A 28 -8.58 -0.45 -4.01
C GLY A 28 -7.98 -1.64 -3.27
N CYS A 29 -8.42 -1.79 -2.05
CA CYS A 29 -7.95 -2.88 -1.19
C CYS A 29 -9.02 -3.98 -1.08
N PRO A 30 -8.60 -5.11 -0.58
CA PRO A 30 -9.46 -6.16 0.04
C PRO A 30 -9.80 -6.01 1.55
N SER A 31 -10.78 -6.81 1.90
CA SER A 31 -11.34 -6.92 3.26
C SER A 31 -10.25 -7.09 4.34
N GLY A 32 -10.08 -6.06 5.12
CA GLY A 32 -9.05 -6.10 6.21
C GLY A 32 -7.92 -5.10 5.95
N TRP A 33 -7.95 -4.51 4.79
CA TRP A 33 -6.92 -3.53 4.38
C TRP A 33 -7.62 -2.18 4.33
N HIS A 34 -6.85 -1.12 4.33
CA HIS A 34 -7.52 0.22 4.28
C HIS A 34 -6.74 1.26 3.45
N ASN A 35 -6.11 0.76 2.41
CA ASN A 35 -5.28 1.57 1.45
C ASN A 35 -4.07 2.26 2.09
N CYS A 36 -3.02 2.36 1.31
CA CYS A 36 -1.77 3.00 1.78
C CYS A 36 -1.37 4.13 0.83
N LYS A 37 -1.44 3.85 -0.44
CA LYS A 37 -1.08 4.90 -1.43
C LYS A 37 -2.32 5.06 -2.31
N ALA A 38 -3.06 6.11 -2.01
CA ALA A 38 -4.31 6.41 -2.79
C ALA A 38 -3.88 7.05 -4.12
N HIS A 39 -2.65 6.84 -4.48
CA HIS A 39 -2.11 7.41 -5.74
C HIS A 39 -1.36 6.34 -6.53
N GLY A 40 -1.55 5.08 -6.22
CA GLY A 40 -0.83 4.02 -6.99
C GLY A 40 -0.57 2.78 -6.12
N PRO A 41 0.10 1.79 -6.65
CA PRO A 41 0.59 1.60 -8.07
C PRO A 41 -0.50 1.45 -9.15
N ASN A 42 -0.09 1.13 -10.36
CA ASN A 42 -1.05 0.95 -11.48
C ASN A 42 -1.41 -0.50 -11.48
N ILE A 43 -0.63 -1.25 -10.74
CA ILE A 43 -0.89 -2.69 -10.68
C ILE A 43 -1.93 -3.09 -9.63
N GLY A 44 -2.71 -2.11 -9.35
CA GLY A 44 -3.81 -2.22 -8.36
C GLY A 44 -3.69 -0.97 -7.51
N TRP A 45 -3.40 -1.15 -6.25
CA TRP A 45 -3.25 0.01 -5.30
C TRP A 45 -2.40 -0.51 -4.14
N CYS A 46 -1.62 0.28 -3.44
CA CYS A 46 -0.80 -0.31 -2.34
C CYS A 46 -1.62 0.02 -1.12
N CYS A 47 -1.84 -1.00 -0.35
CA CYS A 47 -2.64 -0.86 0.89
C CYS A 47 -1.86 -1.40 2.05
N LYS A 48 -2.52 -1.51 3.16
CA LYS A 48 -1.85 -2.05 4.35
C LYS A 48 -2.90 -2.74 5.18
N LYS A 49 -2.40 -3.38 6.18
CA LYS A 49 -3.32 -4.11 7.12
C LYS A 49 -3.69 -3.17 8.30
N GLY A 1 2.63 -10.85 -1.20
CA GLY A 1 2.48 -9.46 -1.72
C GLY A 1 3.70 -8.63 -1.30
N VAL A 2 4.16 -7.78 -2.18
CA VAL A 2 5.34 -6.94 -1.87
C VAL A 2 4.84 -5.64 -1.21
N PRO A 3 5.60 -5.09 -0.30
CA PRO A 3 5.41 -3.69 0.22
C PRO A 3 5.87 -2.62 -0.77
N CYS A 4 5.32 -1.44 -0.66
CA CYS A 4 5.75 -0.34 -1.59
C CYS A 4 6.02 0.93 -0.76
N LEU A 5 6.58 1.92 -1.40
CA LEU A 5 6.88 3.19 -0.69
C LEU A 5 5.58 4.00 -0.79
N CYS A 6 4.67 3.66 0.09
CA CYS A 6 3.36 4.33 0.10
C CYS A 6 3.47 5.77 0.55
N ASP A 7 2.34 6.39 0.38
CA ASP A 7 2.19 7.83 0.74
C ASP A 7 2.74 8.10 2.15
N SER A 8 2.35 7.25 3.06
CA SER A 8 2.79 7.35 4.48
C SER A 8 4.07 6.54 4.72
N ASP A 9 4.50 5.82 3.72
CA ASP A 9 5.74 5.02 3.89
C ASP A 9 6.98 5.92 3.92
N GLY A 10 7.19 6.51 5.07
CA GLY A 10 8.34 7.42 5.29
C GLY A 10 8.18 8.15 6.63
N PRO A 11 7.40 9.21 6.65
CA PRO A 11 7.25 10.13 7.83
C PRO A 11 6.40 9.58 8.97
N ARG A 12 5.86 8.43 8.70
CA ARG A 12 4.99 7.72 9.68
C ARG A 12 5.76 6.53 10.28
N PRO A 13 5.63 6.33 11.57
CA PRO A 13 6.33 5.25 12.32
C PRO A 13 5.76 3.88 11.91
N ARG A 14 6.34 2.84 12.44
CA ARG A 14 5.89 1.46 12.13
C ARG A 14 5.79 1.16 10.64
N GLY A 15 6.44 1.97 9.87
CA GLY A 15 6.43 1.82 8.37
C GLY A 15 7.76 1.21 7.93
N ASN A 16 8.60 1.00 8.91
CA ASN A 16 9.95 0.42 8.69
C ASN A 16 9.85 -1.04 8.26
N THR A 17 9.16 -1.82 9.04
CA THR A 17 8.99 -3.27 8.74
C THR A 17 7.77 -3.47 7.85
N LEU A 18 7.86 -2.82 6.72
CA LEU A 18 6.79 -2.84 5.67
C LEU A 18 5.61 -2.00 6.15
N SER A 19 5.23 -1.06 5.34
CA SER A 19 4.08 -0.17 5.70
C SER A 19 2.77 -0.74 5.16
N GLY A 20 2.87 -1.66 4.24
CA GLY A 20 1.64 -2.28 3.65
C GLY A 20 2.09 -3.19 2.52
N ILE A 21 1.14 -3.68 1.78
CA ILE A 21 1.41 -4.61 0.63
C ILE A 21 0.58 -4.14 -0.57
N LEU A 22 1.06 -4.44 -1.75
CA LEU A 22 0.31 -4.03 -2.99
C LEU A 22 -0.97 -4.87 -3.18
N TRP A 23 -2.02 -4.29 -3.73
CA TRP A 23 -3.28 -5.06 -3.93
C TRP A 23 -3.94 -5.06 -5.29
N PHE A 24 -4.19 -6.30 -5.61
CA PHE A 24 -4.81 -6.70 -6.87
C PHE A 24 -6.33 -6.75 -6.79
N TYR A 25 -6.91 -5.68 -6.33
CA TYR A 25 -8.39 -5.62 -6.23
C TYR A 25 -8.86 -4.44 -7.08
N PRO A 26 -9.97 -4.63 -7.74
CA PRO A 26 -10.70 -3.58 -8.50
C PRO A 26 -11.46 -2.62 -7.59
N SER A 27 -11.94 -3.13 -6.49
CA SER A 27 -12.71 -2.30 -5.52
C SER A 27 -11.79 -1.65 -4.50
N GLY A 28 -10.61 -1.31 -4.96
CA GLY A 28 -9.63 -0.68 -4.03
C GLY A 28 -9.08 -1.80 -3.14
N CYS A 29 -8.54 -1.46 -2.01
CA CYS A 29 -8.00 -2.51 -1.10
C CYS A 29 -9.04 -3.60 -0.81
N PRO A 30 -8.58 -4.80 -0.55
CA PRO A 30 -9.43 -5.91 -0.09
C PRO A 30 -9.79 -5.79 1.40
N SER A 31 -10.84 -6.47 1.74
CA SER A 31 -11.36 -6.48 3.14
C SER A 31 -10.21 -6.75 4.10
N GLY A 32 -10.16 -5.90 5.07
CA GLY A 32 -9.13 -5.98 6.15
C GLY A 32 -7.96 -5.04 5.86
N TRP A 33 -8.00 -4.41 4.73
CA TRP A 33 -6.93 -3.47 4.34
C TRP A 33 -7.56 -2.09 4.33
N HIS A 34 -6.74 -1.08 4.33
CA HIS A 34 -7.34 0.29 4.34
C HIS A 34 -6.54 1.31 3.52
N ASN A 35 -5.95 0.83 2.45
CA ASN A 35 -5.11 1.66 1.51
C ASN A 35 -3.87 2.27 2.16
N CYS A 36 -2.82 2.34 1.37
CA CYS A 36 -1.53 2.89 1.81
C CYS A 36 -1.17 4.00 0.83
N LYS A 37 -0.95 3.60 -0.39
CA LYS A 37 -0.61 4.60 -1.42
C LYS A 37 -1.92 5.06 -2.06
N ALA A 38 -2.30 6.24 -1.66
CA ALA A 38 -3.56 6.86 -2.18
C ALA A 38 -3.23 7.45 -3.56
N HIS A 39 -2.22 6.92 -4.19
CA HIS A 39 -1.76 7.39 -5.54
C HIS A 39 -1.59 6.13 -6.40
N GLY A 40 -2.19 5.07 -5.96
CA GLY A 40 -2.13 3.76 -6.69
C GLY A 40 -1.30 2.74 -5.89
N PRO A 41 -0.37 2.07 -6.52
CA PRO A 41 0.03 2.16 -7.97
C PRO A 41 -1.05 1.62 -8.93
N ASN A 42 -0.69 1.35 -10.17
CA ASN A 42 -1.65 0.82 -11.17
C ASN A 42 -1.55 -0.66 -11.11
N ILE A 43 -0.43 -1.06 -10.58
CA ILE A 43 -0.14 -2.49 -10.45
C ILE A 43 -0.70 -3.11 -9.17
N GLY A 44 -1.76 -2.47 -8.78
CA GLY A 44 -2.51 -2.86 -7.55
C GLY A 44 -2.41 -1.76 -6.51
N TRP A 45 -3.54 -1.39 -5.98
CA TRP A 45 -3.59 -0.31 -4.93
C TRP A 45 -2.63 -0.73 -3.84
N CYS A 46 -1.72 0.09 -3.37
CA CYS A 46 -0.84 -0.44 -2.31
C CYS A 46 -1.66 -0.05 -1.11
N CYS A 47 -1.82 -1.06 -0.33
CA CYS A 47 -2.61 -0.94 0.91
C CYS A 47 -1.90 -1.56 2.06
N LYS A 48 -2.57 -1.56 3.16
CA LYS A 48 -1.97 -2.16 4.34
C LYS A 48 -3.09 -2.69 5.19
N LYS A 49 -2.64 -3.38 6.18
CA LYS A 49 -3.58 -4.00 7.16
C LYS A 49 -3.61 -3.15 8.45
N GLY A 1 2.62 -10.53 -0.42
CA GLY A 1 2.73 -9.71 -1.66
C GLY A 1 3.91 -8.76 -1.53
N VAL A 2 3.95 -7.74 -2.34
CA VAL A 2 5.08 -6.78 -2.27
C VAL A 2 4.61 -5.56 -1.46
N PRO A 3 5.40 -5.14 -0.51
CA PRO A 3 5.31 -3.80 0.12
C PRO A 3 5.99 -2.68 -0.69
N CYS A 4 5.32 -1.57 -0.79
CA CYS A 4 5.90 -0.42 -1.56
C CYS A 4 6.26 0.69 -0.54
N LEU A 5 6.33 1.92 -1.00
CA LEU A 5 6.67 3.09 -0.11
C LEU A 5 5.40 3.94 -0.25
N CYS A 6 4.51 3.88 0.71
CA CYS A 6 3.27 4.69 0.60
C CYS A 6 3.39 6.17 0.93
N ASP A 7 2.25 6.77 0.87
CA ASP A 7 2.15 8.23 1.17
C ASP A 7 2.29 8.47 2.67
N SER A 8 1.37 7.92 3.40
CA SER A 8 1.39 8.07 4.88
C SER A 8 2.20 6.92 5.48
N ASP A 9 3.02 6.34 4.64
CA ASP A 9 3.90 5.20 5.04
C ASP A 9 4.89 5.76 6.05
N GLY A 10 5.21 7.01 5.84
CA GLY A 10 6.17 7.73 6.70
C GLY A 10 7.49 7.67 5.94
N PRO A 11 7.86 8.70 5.24
CA PRO A 11 9.09 8.75 4.38
C PRO A 11 10.32 8.95 5.27
N ARG A 12 10.38 8.15 6.29
CA ARG A 12 11.50 8.18 7.29
C ARG A 12 12.41 6.95 7.15
N PRO A 13 13.59 7.02 7.73
CA PRO A 13 14.59 5.90 7.76
C PRO A 13 14.18 4.76 8.72
N ARG A 14 12.96 4.35 8.55
CA ARG A 14 12.37 3.26 9.37
C ARG A 14 11.06 2.74 8.83
N GLY A 15 11.04 1.47 8.55
CA GLY A 15 9.83 0.79 8.01
C GLY A 15 9.58 1.10 6.54
N ASN A 16 9.87 2.33 6.21
CA ASN A 16 9.73 2.95 4.84
C ASN A 16 9.15 2.15 3.65
N THR A 17 9.60 0.94 3.42
CA THR A 17 9.05 0.15 2.28
C THR A 17 8.43 -1.17 2.74
N LEU A 18 7.96 -1.16 3.94
CA LEU A 18 7.32 -2.38 4.55
C LEU A 18 6.04 -1.99 5.31
N SER A 19 5.50 -0.85 4.98
CA SER A 19 4.25 -0.38 5.68
C SER A 19 2.92 -0.85 5.05
N GLY A 20 2.96 -1.81 4.17
CA GLY A 20 1.69 -2.29 3.53
C GLY A 20 2.02 -3.18 2.35
N ILE A 21 1.01 -3.68 1.67
CA ILE A 21 1.23 -4.57 0.47
C ILE A 21 0.35 -4.12 -0.71
N LEU A 22 0.87 -4.25 -1.91
CA LEU A 22 0.08 -3.84 -3.13
C LEU A 22 -1.17 -4.76 -3.24
N TRP A 23 -2.21 -4.29 -3.87
CA TRP A 23 -3.44 -5.10 -4.02
C TRP A 23 -4.11 -5.18 -5.36
N PHE A 24 -4.37 -6.41 -5.65
CA PHE A 24 -5.00 -6.82 -6.91
C PHE A 24 -6.52 -6.81 -6.79
N TYR A 25 -7.04 -5.68 -6.38
CA TYR A 25 -8.50 -5.54 -6.24
C TYR A 25 -9.00 -4.32 -7.04
N PRO A 26 -10.10 -4.51 -7.72
CA PRO A 26 -10.81 -3.48 -8.53
C PRO A 26 -11.55 -2.45 -7.67
N SER A 27 -11.91 -2.88 -6.49
CA SER A 27 -12.65 -2.00 -5.54
C SER A 27 -11.68 -1.31 -4.56
N GLY A 28 -10.44 -1.25 -4.97
CA GLY A 28 -9.39 -0.60 -4.11
C GLY A 28 -8.83 -1.71 -3.23
N CYS A 29 -8.60 -1.42 -1.97
CA CYS A 29 -8.05 -2.46 -1.07
C CYS A 29 -9.10 -3.54 -0.80
N PRO A 30 -8.66 -4.76 -0.56
CA PRO A 30 -9.53 -5.87 -0.12
C PRO A 30 -9.88 -5.78 1.37
N SER A 31 -10.94 -6.45 1.70
CA SER A 31 -11.45 -6.50 3.09
C SER A 31 -10.30 -6.81 4.03
N GLY A 32 -10.23 -5.98 5.01
CA GLY A 32 -9.17 -6.11 6.07
C GLY A 32 -8.03 -5.14 5.82
N TRP A 33 -8.06 -4.50 4.69
CA TRP A 33 -7.01 -3.52 4.34
C TRP A 33 -7.64 -2.15 4.40
N HIS A 34 -6.83 -1.14 4.46
CA HIS A 34 -7.40 0.24 4.52
C HIS A 34 -6.58 1.28 3.72
N ASN A 35 -5.93 0.79 2.69
CA ASN A 35 -5.07 1.61 1.78
C ASN A 35 -3.85 2.24 2.47
N CYS A 36 -2.80 2.33 1.69
CA CYS A 36 -1.52 2.92 2.17
C CYS A 36 -1.23 4.16 1.33
N LYS A 37 -1.37 4.02 0.04
CA LYS A 37 -1.11 5.20 -0.85
C LYS A 37 -2.27 5.31 -1.83
N ALA A 38 -2.89 6.46 -1.85
CA ALA A 38 -4.04 6.69 -2.77
C ALA A 38 -3.49 7.16 -4.10
N HIS A 39 -2.24 6.85 -4.34
CA HIS A 39 -1.59 7.26 -5.62
C HIS A 39 -0.88 6.05 -6.23
N GLY A 40 -1.70 5.21 -6.82
CA GLY A 40 -1.18 3.98 -7.46
C GLY A 40 -0.65 3.01 -6.39
N PRO A 41 0.15 2.05 -6.80
CA PRO A 41 0.54 1.77 -8.22
C PRO A 41 -0.70 1.18 -8.93
N ASN A 42 -0.58 0.95 -10.22
CA ASN A 42 -1.72 0.41 -10.99
C ASN A 42 -1.55 -1.07 -10.95
N ILE A 43 -0.40 -1.45 -10.47
CA ILE A 43 -0.10 -2.87 -10.38
C ILE A 43 -0.58 -3.45 -9.05
N GLY A 44 -1.59 -2.79 -8.59
CA GLY A 44 -2.25 -3.14 -7.30
C GLY A 44 -2.14 -2.03 -6.26
N TRP A 45 -3.24 -1.77 -5.62
CA TRP A 45 -3.25 -0.68 -4.57
C TRP A 45 -2.31 -1.00 -3.42
N CYS A 46 -1.45 -0.09 -3.05
CA CYS A 46 -0.53 -0.39 -1.94
C CYS A 46 -1.44 0.07 -0.82
N CYS A 47 -1.76 -0.96 -0.10
CA CYS A 47 -2.65 -0.86 1.06
C CYS A 47 -2.00 -1.54 2.22
N LYS A 48 -2.69 -1.60 3.31
CA LYS A 48 -2.08 -2.27 4.46
C LYS A 48 -3.18 -2.88 5.28
N LYS A 49 -2.72 -3.67 6.18
CA LYS A 49 -3.66 -4.37 7.11
C LYS A 49 -3.77 -3.58 8.42
N GLY A 1 1.60 -10.89 -1.97
CA GLY A 1 1.82 -9.69 -2.82
C GLY A 1 3.14 -9.02 -2.43
N VAL A 2 3.55 -8.03 -3.17
CA VAL A 2 4.83 -7.32 -2.87
C VAL A 2 4.48 -6.01 -2.14
N PRO A 3 5.27 -5.62 -1.18
CA PRO A 3 5.19 -4.29 -0.49
C PRO A 3 5.75 -3.14 -1.33
N CYS A 4 5.31 -1.98 -0.97
CA CYS A 4 5.74 -0.72 -1.65
C CYS A 4 5.67 0.42 -0.63
N LEU A 5 6.29 1.53 -0.93
CA LEU A 5 6.26 2.69 0.02
C LEU A 5 4.89 3.31 -0.24
N CYS A 6 4.50 4.20 0.64
CA CYS A 6 3.18 4.84 0.48
C CYS A 6 3.09 6.33 0.80
N ASP A 7 1.87 6.78 0.74
CA ASP A 7 1.60 8.22 1.03
C ASP A 7 1.66 8.42 2.54
N SER A 8 1.27 7.39 3.24
CA SER A 8 1.28 7.41 4.74
C SER A 8 2.33 6.45 5.35
N ASP A 9 2.83 5.56 4.54
CA ASP A 9 3.87 4.54 4.94
C ASP A 9 4.83 5.02 6.02
N GLY A 10 5.21 6.25 5.88
CA GLY A 10 6.14 6.90 6.83
C GLY A 10 7.05 7.76 5.96
N PRO A 11 7.35 8.97 6.36
CA PRO A 11 7.99 10.02 5.51
C PRO A 11 9.48 9.75 5.20
N ARG A 12 9.89 8.52 5.24
CA ARG A 12 11.32 8.20 4.95
C ARG A 12 11.41 7.47 3.60
N PRO A 13 11.79 8.18 2.56
CA PRO A 13 12.00 7.62 1.19
C PRO A 13 13.32 6.83 1.13
N ARG A 14 13.50 6.11 0.04
CA ARG A 14 14.73 5.29 -0.17
C ARG A 14 14.83 4.26 0.95
N GLY A 15 15.93 3.58 1.09
CA GLY A 15 16.06 2.55 2.17
C GLY A 15 15.28 1.26 1.89
N ASN A 16 14.02 1.41 1.52
CA ASN A 16 13.05 0.30 1.18
C ASN A 16 12.17 0.08 2.44
N THR A 17 11.06 0.76 2.50
CA THR A 17 10.12 0.64 3.65
C THR A 17 9.08 -0.48 3.42
N LEU A 18 8.48 -0.96 4.48
CA LEU A 18 7.45 -2.04 4.36
C LEU A 18 6.30 -1.76 5.34
N SER A 19 5.53 -0.74 5.04
CA SER A 19 4.37 -0.38 5.92
C SER A 19 3.05 -1.08 5.50
N GLY A 20 3.03 -1.66 4.33
CA GLY A 20 1.79 -2.36 3.83
C GLY A 20 2.12 -3.24 2.61
N ILE A 21 1.11 -3.62 1.86
CA ILE A 21 1.32 -4.49 0.64
C ILE A 21 0.53 -4.03 -0.61
N LEU A 22 1.07 -4.21 -1.81
CA LEU A 22 0.31 -3.79 -3.04
C LEU A 22 -0.93 -4.67 -3.11
N TRP A 23 -2.00 -4.19 -3.70
CA TRP A 23 -3.24 -5.00 -3.78
C TRP A 23 -3.92 -5.04 -5.11
N PHE A 24 -4.30 -6.25 -5.36
CA PHE A 24 -5.00 -6.64 -6.60
C PHE A 24 -6.52 -6.50 -6.56
N TYR A 25 -7.05 -5.46 -5.98
CA TYR A 25 -8.53 -5.28 -5.92
C TYR A 25 -9.09 -4.11 -6.69
N PRO A 26 -10.08 -4.41 -7.50
CA PRO A 26 -10.69 -3.45 -8.43
C PRO A 26 -11.45 -2.39 -7.62
N SER A 27 -11.76 -2.80 -6.41
CA SER A 27 -12.49 -1.96 -5.42
C SER A 27 -11.51 -1.17 -4.54
N GLY A 28 -10.24 -1.34 -4.82
CA GLY A 28 -9.17 -0.64 -4.04
C GLY A 28 -8.51 -1.72 -3.19
N CYS A 29 -8.59 -1.60 -1.89
CA CYS A 29 -7.99 -2.61 -0.99
C CYS A 29 -9.06 -3.66 -0.64
N PRO A 30 -8.68 -4.88 -0.39
CA PRO A 30 -9.60 -5.97 0.03
C PRO A 30 -10.07 -5.91 1.50
N SER A 31 -10.95 -6.83 1.78
CA SER A 31 -11.56 -7.00 3.11
C SER A 31 -10.53 -7.04 4.24
N GLY A 32 -10.39 -5.96 4.94
CA GLY A 32 -9.40 -5.91 6.08
C GLY A 32 -8.22 -4.99 5.82
N TRP A 33 -8.21 -4.37 4.68
CA TRP A 33 -7.12 -3.44 4.32
C TRP A 33 -7.70 -2.04 4.27
N HIS A 34 -6.85 -1.04 4.31
CA HIS A 34 -7.41 0.36 4.27
C HIS A 34 -6.52 1.38 3.53
N ASN A 35 -5.92 0.89 2.47
CA ASN A 35 -5.01 1.72 1.60
C ASN A 35 -3.77 2.31 2.30
N CYS A 36 -2.74 2.44 1.51
CA CYS A 36 -1.45 2.99 1.98
C CYS A 36 -1.07 4.17 1.08
N LYS A 37 -1.23 3.96 -0.20
CA LYS A 37 -0.90 5.04 -1.17
C LYS A 37 -2.18 5.23 -1.99
N ALA A 38 -2.80 6.36 -1.80
CA ALA A 38 -4.05 6.66 -2.55
C ALA A 38 -3.61 7.26 -3.89
N HIS A 39 -2.48 6.82 -4.37
CA HIS A 39 -1.94 7.33 -5.66
C HIS A 39 -1.52 6.13 -6.52
N GLY A 40 -2.11 5.00 -6.22
CA GLY A 40 -1.80 3.74 -6.96
C GLY A 40 -0.98 2.81 -6.06
N PRO A 41 -0.07 2.05 -6.64
CA PRO A 41 0.28 1.97 -8.10
C PRO A 41 -0.78 1.20 -8.91
N ASN A 42 -0.50 0.96 -10.16
CA ASN A 42 -1.44 0.23 -11.04
C ASN A 42 -1.01 -1.19 -10.89
N ILE A 43 0.11 -1.37 -10.23
CA ILE A 43 0.61 -2.73 -10.05
C ILE A 43 0.05 -3.28 -8.72
N GLY A 44 -1.14 -2.81 -8.47
CA GLY A 44 -1.95 -3.15 -7.27
C GLY A 44 -1.85 -1.98 -6.31
N TRP A 45 -2.98 -1.49 -5.87
CA TRP A 45 -3.00 -0.32 -4.93
C TRP A 45 -2.13 -0.65 -3.72
N CYS A 46 -1.29 0.22 -3.23
CA CYS A 46 -0.52 -0.24 -2.06
C CYS A 46 -1.42 0.13 -0.92
N CYS A 47 -1.72 -0.91 -0.21
CA CYS A 47 -2.61 -0.83 0.97
C CYS A 47 -1.93 -1.47 2.13
N LYS A 48 -2.63 -1.58 3.21
CA LYS A 48 -2.04 -2.23 4.39
C LYS A 48 -3.17 -2.83 5.16
N LYS A 49 -2.79 -3.58 6.14
CA LYS A 49 -3.83 -4.23 7.00
C LYS A 49 -4.32 -3.24 8.06
N GLY A 1 2.31 -11.49 -2.60
CA GLY A 1 2.04 -10.03 -2.38
C GLY A 1 3.36 -9.30 -2.09
N VAL A 2 3.59 -8.22 -2.81
CA VAL A 2 4.84 -7.43 -2.59
C VAL A 2 4.55 -6.25 -1.64
N PRO A 3 5.41 -6.01 -0.67
CA PRO A 3 5.44 -4.74 0.11
C PRO A 3 6.12 -3.55 -0.62
N CYS A 4 5.43 -2.44 -0.64
CA CYS A 4 5.91 -1.19 -1.30
C CYS A 4 6.06 0.00 -0.32
N LEU A 5 6.13 1.18 -0.89
CA LEU A 5 6.28 2.45 -0.12
C LEU A 5 4.94 3.17 -0.33
N CYS A 6 4.59 3.98 0.64
CA CYS A 6 3.30 4.71 0.53
C CYS A 6 3.29 6.15 1.03
N ASP A 7 2.09 6.65 1.08
CA ASP A 7 1.83 8.05 1.53
C ASP A 7 1.75 8.04 3.05
N SER A 8 0.86 7.23 3.56
CA SER A 8 0.72 7.14 5.05
C SER A 8 1.87 6.32 5.63
N ASP A 9 2.59 5.67 4.74
CA ASP A 9 3.76 4.81 5.10
C ASP A 9 4.78 5.55 5.96
N GLY A 10 4.85 6.83 5.73
CA GLY A 10 5.78 7.71 6.49
C GLY A 10 6.76 8.33 5.48
N PRO A 11 7.11 9.58 5.67
CA PRO A 11 7.89 10.43 4.71
C PRO A 11 9.39 10.09 4.73
N ARG A 12 9.66 8.82 4.86
CA ARG A 12 11.08 8.34 4.90
C ARG A 12 11.39 7.52 3.63
N PRO A 13 11.70 8.21 2.56
CA PRO A 13 12.05 7.58 1.25
C PRO A 13 13.39 6.86 1.38
N ARG A 14 13.61 5.85 0.56
CA ARG A 14 14.87 5.05 0.57
C ARG A 14 15.31 4.57 1.97
N GLY A 15 14.39 4.66 2.88
CA GLY A 15 14.65 4.24 4.31
C GLY A 15 14.28 2.79 4.54
N ASN A 16 14.45 1.99 3.51
CA ASN A 16 14.13 0.51 3.58
C ASN A 16 12.81 0.22 4.34
N THR A 17 11.85 1.10 4.24
CA THR A 17 10.55 0.87 4.95
C THR A 17 9.60 0.09 4.03
N LEU A 18 8.65 -0.59 4.62
CA LEU A 18 7.65 -1.41 3.86
C LEU A 18 6.25 -1.40 4.53
N SER A 19 5.75 -0.24 4.85
CA SER A 19 4.40 -0.22 5.50
C SER A 19 3.29 -0.15 4.43
N GLY A 20 3.30 -1.10 3.55
CA GLY A 20 2.26 -1.13 2.47
C GLY A 20 2.30 -2.42 1.67
N ILE A 21 1.24 -3.21 1.64
CA ILE A 21 1.33 -4.46 0.80
C ILE A 21 0.54 -4.12 -0.46
N LEU A 22 1.08 -4.37 -1.63
CA LEU A 22 0.29 -4.03 -2.86
C LEU A 22 -0.96 -4.91 -2.86
N TRP A 23 -1.96 -4.49 -3.59
CA TRP A 23 -3.21 -5.27 -3.67
C TRP A 23 -3.85 -5.36 -5.02
N PHE A 24 -4.23 -6.58 -5.25
CA PHE A 24 -4.87 -7.00 -6.50
C PHE A 24 -6.40 -6.89 -6.53
N TYR A 25 -6.94 -5.82 -6.01
CA TYR A 25 -8.41 -5.63 -6.02
C TYR A 25 -8.79 -4.41 -6.79
N PRO A 26 -9.67 -4.59 -7.74
CA PRO A 26 -10.07 -3.52 -8.66
C PRO A 26 -10.76 -2.41 -7.86
N SER A 27 -11.37 -2.82 -6.78
CA SER A 27 -12.12 -1.89 -5.88
C SER A 27 -11.19 -1.19 -4.89
N GLY A 28 -9.91 -1.40 -5.05
CA GLY A 28 -8.91 -0.76 -4.16
C GLY A 28 -8.41 -1.86 -3.24
N CYS A 29 -8.43 -1.62 -1.96
CA CYS A 29 -7.96 -2.64 -1.00
C CYS A 29 -9.10 -3.63 -0.68
N PRO A 30 -8.75 -4.88 -0.45
CA PRO A 30 -9.71 -5.94 -0.07
C PRO A 30 -10.18 -5.85 1.39
N SER A 31 -11.28 -6.53 1.64
CA SER A 31 -11.88 -6.56 3.01
C SER A 31 -10.82 -6.81 4.06
N GLY A 32 -10.59 -5.79 4.85
CA GLY A 32 -9.56 -5.88 5.95
C GLY A 32 -8.38 -4.96 5.72
N TRP A 33 -8.32 -4.36 4.58
CA TRP A 33 -7.20 -3.43 4.25
C TRP A 33 -7.78 -2.02 4.19
N HIS A 34 -6.95 -1.02 4.30
CA HIS A 34 -7.52 0.37 4.24
C HIS A 34 -6.56 1.39 3.58
N ASN A 35 -6.01 1.00 2.46
CA ASN A 35 -5.05 1.85 1.66
C ASN A 35 -3.73 2.24 2.36
N CYS A 36 -2.69 2.33 1.57
CA CYS A 36 -1.36 2.70 2.12
C CYS A 36 -0.97 4.04 1.48
N LYS A 37 -1.20 4.15 0.20
CA LYS A 37 -0.87 5.43 -0.52
C LYS A 37 -2.15 5.90 -1.22
N ALA A 38 -2.52 7.13 -0.98
CA ALA A 38 -3.75 7.69 -1.61
C ALA A 38 -3.44 8.05 -3.08
N HIS A 39 -2.73 7.19 -3.76
CA HIS A 39 -2.36 7.42 -5.19
C HIS A 39 -2.66 6.18 -6.05
N GLY A 40 -1.78 5.19 -6.04
CA GLY A 40 -1.98 3.93 -6.85
C GLY A 40 -1.23 2.77 -6.17
N PRO A 41 -0.43 2.00 -6.86
CA PRO A 41 -0.13 1.98 -8.34
C PRO A 41 -1.23 1.22 -9.13
N ASN A 42 -1.01 0.96 -10.39
CA ASN A 42 -2.03 0.23 -11.19
C ASN A 42 -1.68 -1.21 -11.10
N ILE A 43 -0.49 -1.43 -10.64
CA ILE A 43 -0.03 -2.82 -10.52
C ILE A 43 -0.41 -3.47 -9.19
N GLY A 44 -1.48 -2.94 -8.69
CA GLY A 44 -2.07 -3.39 -7.41
C GLY A 44 -1.87 -2.28 -6.41
N TRP A 45 -2.98 -1.80 -5.94
CA TRP A 45 -3.02 -0.68 -4.94
C TRP A 45 -2.11 -0.97 -3.77
N CYS A 46 -1.29 -0.04 -3.34
CA CYS A 46 -0.46 -0.41 -2.18
C CYS A 46 -1.39 0.00 -1.04
N CYS A 47 -1.71 -1.02 -0.31
CA CYS A 47 -2.61 -0.92 0.87
C CYS A 47 -2.02 -1.49 2.10
N LYS A 48 -2.78 -1.50 3.15
CA LYS A 48 -2.24 -2.04 4.38
C LYS A 48 -3.36 -2.61 5.23
N LYS A 49 -2.93 -3.49 6.08
CA LYS A 49 -3.88 -4.18 7.03
C LYS A 49 -4.20 -3.26 8.23
N GLY A 1 2.40 -10.54 -2.88
CA GLY A 1 2.32 -9.12 -2.47
C GLY A 1 3.72 -8.64 -2.06
N VAL A 2 4.00 -7.38 -2.23
CA VAL A 2 5.34 -6.83 -1.87
C VAL A 2 5.01 -5.58 -1.05
N PRO A 3 5.89 -5.18 -0.16
CA PRO A 3 5.86 -3.82 0.44
C PRO A 3 6.28 -2.64 -0.45
N CYS A 4 5.54 -1.58 -0.34
CA CYS A 4 5.84 -0.35 -1.14
C CYS A 4 6.02 0.86 -0.20
N LEU A 5 6.69 1.85 -0.71
CA LEU A 5 6.92 3.09 0.08
C LEU A 5 5.57 3.78 -0.11
N CYS A 6 4.62 3.42 0.71
CA CYS A 6 3.28 4.02 0.62
C CYS A 6 3.29 5.47 1.01
N ASP A 7 2.14 6.02 0.82
CA ASP A 7 1.95 7.46 1.13
C ASP A 7 2.45 7.88 2.51
N SER A 8 1.99 7.25 3.55
CA SER A 8 2.49 7.64 4.90
C SER A 8 3.73 6.82 5.23
N ASP A 9 4.21 6.12 4.25
CA ASP A 9 5.42 5.27 4.46
C ASP A 9 6.62 6.21 4.24
N GLY A 10 6.62 7.24 5.02
CA GLY A 10 7.73 8.24 4.93
C GLY A 10 8.72 7.83 6.02
N PRO A 11 9.39 8.77 6.64
CA PRO A 11 10.42 8.52 7.69
C PRO A 11 9.73 8.21 9.02
N ARG A 12 8.74 7.37 8.94
CA ARG A 12 8.00 6.98 10.18
C ARG A 12 8.65 5.75 10.84
N PRO A 13 8.53 5.66 12.15
CA PRO A 13 9.10 4.55 12.95
C PRO A 13 8.41 3.22 12.58
N ARG A 14 9.19 2.40 11.92
CA ARG A 14 8.75 1.06 11.45
C ARG A 14 7.78 1.27 10.27
N GLY A 15 7.97 0.52 9.22
CA GLY A 15 7.09 0.66 8.01
C GLY A 15 7.87 1.18 6.81
N ASN A 16 8.95 1.88 7.07
CA ASN A 16 9.85 2.47 6.00
C ASN A 16 10.06 1.54 4.80
N THR A 17 10.05 0.27 5.07
CA THR A 17 10.26 -0.75 3.99
C THR A 17 9.17 -1.83 4.08
N LEU A 18 8.02 -1.46 4.61
CA LEU A 18 6.88 -2.43 4.76
C LEU A 18 5.60 -1.81 5.37
N SER A 19 5.26 -0.61 4.98
CA SER A 19 4.03 0.02 5.56
C SER A 19 2.77 -0.29 4.73
N GLY A 20 2.89 -1.01 3.65
CA GLY A 20 1.70 -1.34 2.81
C GLY A 20 2.00 -2.50 1.89
N ILE A 21 1.09 -3.42 1.71
CA ILE A 21 1.39 -4.57 0.78
C ILE A 21 0.63 -4.22 -0.50
N LEU A 22 1.21 -4.47 -1.63
CA LEU A 22 0.46 -4.14 -2.89
C LEU A 22 -0.83 -4.98 -3.03
N TRP A 23 -1.86 -4.38 -3.61
CA TRP A 23 -3.15 -5.08 -3.81
C TRP A 23 -3.82 -5.05 -5.17
N PHE A 24 -4.16 -6.26 -5.47
CA PHE A 24 -4.85 -6.70 -6.71
C PHE A 24 -6.38 -6.64 -6.57
N TYR A 25 -6.86 -5.52 -6.12
CA TYR A 25 -8.33 -5.35 -5.95
C TYR A 25 -8.86 -4.13 -6.69
N PRO A 26 -9.85 -4.33 -7.51
CA PRO A 26 -10.46 -3.27 -8.35
C PRO A 26 -11.12 -2.20 -7.45
N SER A 27 -11.38 -2.61 -6.25
CA SER A 27 -12.02 -1.76 -5.21
C SER A 27 -10.96 -0.96 -4.44
N GLY A 28 -9.72 -1.27 -4.70
CA GLY A 28 -8.59 -0.60 -4.01
C GLY A 28 -8.00 -1.76 -3.24
N CYS A 29 -8.42 -1.84 -2.01
CA CYS A 29 -7.95 -2.90 -1.11
C CYS A 29 -9.04 -3.98 -1.04
N PRO A 30 -8.64 -5.13 -0.53
CA PRO A 30 -9.55 -6.15 0.07
C PRO A 30 -9.92 -5.94 1.56
N SER A 31 -10.90 -6.69 1.97
CA SER A 31 -11.43 -6.66 3.35
C SER A 31 -10.29 -6.91 4.34
N GLY A 32 -10.20 -5.99 5.24
CA GLY A 32 -9.15 -6.05 6.30
C GLY A 32 -8.02 -5.07 6.02
N TRP A 33 -8.07 -4.47 4.88
CA TRP A 33 -7.04 -3.49 4.44
C TRP A 33 -7.74 -2.15 4.36
N HIS A 34 -7.01 -1.10 4.54
CA HIS A 34 -7.62 0.26 4.48
C HIS A 34 -6.68 1.22 3.77
N ASN A 35 -6.15 0.71 2.67
CA ASN A 35 -5.19 1.43 1.77
C ASN A 35 -3.93 1.98 2.46
N CYS A 36 -2.86 2.00 1.71
CA CYS A 36 -1.56 2.51 2.19
C CYS A 36 -1.18 3.69 1.28
N LYS A 37 -1.50 3.54 0.03
CA LYS A 37 -1.20 4.60 -0.97
C LYS A 37 -2.37 4.78 -1.92
N ALA A 38 -2.83 6.00 -1.92
CA ALA A 38 -3.98 6.41 -2.78
C ALA A 38 -3.35 7.02 -4.03
N HIS A 39 -2.12 6.68 -4.29
CA HIS A 39 -1.41 7.24 -5.49
C HIS A 39 -0.66 6.10 -6.20
N GLY A 40 -1.39 5.21 -6.80
CA GLY A 40 -0.75 4.07 -7.52
C GLY A 40 -0.47 2.99 -6.45
N PRO A 41 0.04 1.83 -6.81
CA PRO A 41 0.45 1.33 -8.17
C PRO A 41 -0.69 1.28 -9.19
N ASN A 42 -0.32 1.05 -10.42
CA ASN A 42 -1.30 0.96 -11.55
C ASN A 42 -1.64 -0.50 -11.64
N ILE A 43 -0.87 -1.28 -10.90
CA ILE A 43 -1.10 -2.73 -10.92
C ILE A 43 -2.06 -3.12 -9.79
N GLY A 44 -2.91 -2.19 -9.50
CA GLY A 44 -3.93 -2.33 -8.44
C GLY A 44 -3.77 -1.08 -7.59
N TRP A 45 -3.40 -1.29 -6.37
CA TRP A 45 -3.17 -0.17 -5.38
C TRP A 45 -2.19 -0.76 -4.35
N CYS A 46 -1.91 -0.10 -3.26
CA CYS A 46 -0.97 -0.62 -2.22
C CYS A 46 -1.76 -0.29 -0.97
N CYS A 47 -1.96 -1.31 -0.19
CA CYS A 47 -2.74 -1.16 1.05
C CYS A 47 -2.13 -1.72 2.27
N LYS A 48 -2.84 -1.58 3.35
CA LYS A 48 -2.32 -2.10 4.59
C LYS A 48 -3.45 -2.50 5.51
N LYS A 49 -3.12 -3.49 6.29
CA LYS A 49 -4.11 -4.01 7.28
C LYS A 49 -4.12 -3.07 8.50
N GLY A 1 1.82 -11.54 -1.44
CA GLY A 1 1.77 -10.11 -1.86
C GLY A 1 3.11 -9.44 -1.55
N VAL A 2 3.44 -8.40 -2.27
CA VAL A 2 4.74 -7.70 -2.03
C VAL A 2 4.42 -6.49 -1.15
N PRO A 3 5.32 -6.09 -0.29
CA PRO A 3 5.21 -4.81 0.46
C PRO A 3 5.61 -3.64 -0.46
N CYS A 4 5.02 -2.50 -0.21
CA CYS A 4 5.34 -1.31 -1.04
C CYS A 4 5.44 -0.07 -0.15
N LEU A 5 5.93 0.96 -0.77
CA LEU A 5 6.10 2.28 -0.08
C LEU A 5 4.78 2.99 -0.39
N CYS A 6 4.36 3.85 0.48
CA CYS A 6 3.07 4.57 0.24
C CYS A 6 3.09 6.05 0.62
N ASP A 7 1.89 6.57 0.67
CA ASP A 7 1.64 8.01 1.02
C ASP A 7 1.68 8.13 2.53
N SER A 8 0.79 7.41 3.16
CA SER A 8 0.73 7.44 4.67
C SER A 8 1.88 6.61 5.24
N ASP A 9 2.46 5.86 4.36
CA ASP A 9 3.60 4.95 4.69
C ASP A 9 4.89 5.64 5.12
N GLY A 10 5.02 6.92 4.90
CA GLY A 10 6.27 7.61 5.30
C GLY A 10 6.15 9.13 5.36
N PRO A 11 5.42 9.64 6.32
CA PRO A 11 5.30 11.11 6.60
C PRO A 11 6.59 11.70 7.21
N ARG A 12 7.70 11.07 6.91
CA ARG A 12 9.04 11.48 7.42
C ARG A 12 10.07 11.20 6.31
N PRO A 13 10.97 12.13 6.05
CA PRO A 13 11.99 12.01 4.98
C PRO A 13 13.09 11.02 5.43
N ARG A 14 13.62 10.29 4.48
CA ARG A 14 14.68 9.28 4.77
C ARG A 14 14.24 8.30 5.88
N GLY A 15 12.95 8.24 6.04
CA GLY A 15 12.33 7.34 7.06
C GLY A 15 12.45 5.87 6.70
N ASN A 16 12.60 5.58 5.43
CA ASN A 16 12.72 4.16 4.96
C ASN A 16 11.61 3.29 5.54
N THR A 17 10.42 3.83 5.56
CA THR A 17 9.25 3.08 6.10
C THR A 17 8.61 2.27 4.97
N LEU A 18 8.05 1.14 5.33
CA LEU A 18 7.37 0.23 4.35
C LEU A 18 6.46 -0.71 5.17
N SER A 19 5.21 -0.34 5.37
CA SER A 19 4.27 -1.20 6.15
C SER A 19 2.96 -1.49 5.40
N GLY A 20 3.01 -1.56 4.10
CA GLY A 20 1.77 -1.84 3.32
C GLY A 20 2.08 -2.87 2.26
N ILE A 21 1.07 -3.58 1.81
CA ILE A 21 1.26 -4.63 0.76
C ILE A 21 0.48 -4.14 -0.46
N LEU A 22 1.00 -4.42 -1.64
CA LEU A 22 0.27 -3.98 -2.85
C LEU A 22 -0.97 -4.84 -3.04
N TRP A 23 -1.98 -4.28 -3.63
CA TRP A 23 -3.22 -5.04 -3.86
C TRP A 23 -3.84 -4.99 -5.24
N PHE A 24 -4.17 -6.20 -5.57
CA PHE A 24 -4.80 -6.61 -6.84
C PHE A 24 -6.31 -6.55 -6.70
N TYR A 25 -6.80 -5.40 -6.28
CA TYR A 25 -8.26 -5.23 -6.10
C TYR A 25 -8.77 -3.99 -6.86
N PRO A 26 -9.92 -4.15 -7.47
CA PRO A 26 -10.64 -3.08 -8.22
C PRO A 26 -11.20 -2.02 -7.25
N SER A 27 -11.25 -2.43 -6.02
CA SER A 27 -11.74 -1.59 -4.89
C SER A 27 -10.57 -1.00 -4.09
N GLY A 28 -9.44 -0.91 -4.72
CA GLY A 28 -8.26 -0.35 -4.01
C GLY A 28 -7.76 -1.55 -3.22
N CYS A 29 -8.28 -1.65 -2.03
CA CYS A 29 -7.92 -2.73 -1.11
C CYS A 29 -8.97 -3.86 -1.14
N PRO A 30 -8.56 -4.99 -0.62
CA PRO A 30 -9.41 -6.08 -0.05
C PRO A 30 -9.77 -5.98 1.46
N SER A 31 -10.76 -6.75 1.78
CA SER A 31 -11.34 -6.88 3.14
C SER A 31 -10.31 -7.16 4.24
N GLY A 32 -10.12 -6.20 5.10
CA GLY A 32 -9.15 -6.32 6.24
C GLY A 32 -7.98 -5.37 6.11
N TRP A 33 -7.96 -4.72 4.98
CA TRP A 33 -6.89 -3.74 4.65
C TRP A 33 -7.52 -2.38 4.75
N HIS A 34 -6.72 -1.35 4.75
CA HIS A 34 -7.34 0.00 4.86
C HIS A 34 -6.57 1.09 4.09
N ASN A 35 -6.06 0.67 2.95
CA ASN A 35 -5.28 1.54 2.03
C ASN A 35 -4.04 2.26 2.60
N CYS A 36 -3.01 2.36 1.79
CA CYS A 36 -1.76 3.03 2.24
C CYS A 36 -1.42 4.24 1.34
N LYS A 37 -1.85 4.18 0.11
CA LYS A 37 -1.59 5.30 -0.85
C LYS A 37 -2.72 5.33 -1.88
N ALA A 38 -2.94 6.52 -2.35
CA ALA A 38 -3.99 6.79 -3.38
C ALA A 38 -3.16 7.30 -4.56
N HIS A 39 -1.99 6.73 -4.71
CA HIS A 39 -1.07 7.15 -5.81
C HIS A 39 -0.65 5.86 -6.53
N GLY A 40 -1.64 5.19 -7.05
CA GLY A 40 -1.37 3.91 -7.77
C GLY A 40 -1.05 2.89 -6.67
N PRO A 41 -0.22 1.90 -6.92
CA PRO A 41 0.44 1.49 -8.21
C PRO A 41 -0.49 1.37 -9.42
N ASN A 42 0.08 1.07 -10.57
CA ASN A 42 -0.72 0.95 -11.80
C ASN A 42 -1.08 -0.50 -11.88
N ILE A 43 -0.47 -1.24 -10.97
CA ILE A 43 -0.71 -2.69 -10.93
C ILE A 43 -1.72 -3.10 -9.86
N GLY A 44 -2.50 -2.13 -9.50
CA GLY A 44 -3.56 -2.28 -8.48
C GLY A 44 -3.39 -1.07 -7.57
N TRP A 45 -3.13 -1.31 -6.32
CA TRP A 45 -2.94 -0.18 -5.35
C TRP A 45 -2.01 -0.69 -4.24
N CYS A 46 -1.86 0.04 -3.16
CA CYS A 46 -0.99 -0.44 -2.06
C CYS A 46 -1.81 -0.06 -0.84
N CYS A 47 -1.95 -1.06 -0.04
CA CYS A 47 -2.72 -0.94 1.22
C CYS A 47 -1.95 -1.57 2.32
N LYS A 48 -2.57 -1.68 3.45
CA LYS A 48 -1.88 -2.30 4.58
C LYS A 48 -2.94 -2.95 5.44
N LYS A 49 -2.46 -3.65 6.41
CA LYS A 49 -3.38 -4.35 7.36
C LYS A 49 -3.70 -3.35 8.49
N GLY A 1 1.46 -10.64 -1.21
CA GLY A 1 1.86 -9.64 -2.25
C GLY A 1 3.17 -8.98 -1.82
N VAL A 2 3.69 -8.11 -2.65
CA VAL A 2 4.97 -7.43 -2.28
C VAL A 2 4.59 -6.10 -1.62
N PRO A 3 5.35 -5.63 -0.65
CA PRO A 3 5.27 -4.24 -0.11
C PRO A 3 5.82 -3.19 -1.09
N CYS A 4 5.26 -2.01 -1.00
CA CYS A 4 5.71 -0.89 -1.89
C CYS A 4 5.83 0.43 -1.11
N LEU A 5 6.15 1.48 -1.82
CA LEU A 5 6.30 2.80 -1.15
C LEU A 5 4.95 3.52 -1.19
N CYS A 6 4.36 3.64 -0.03
CA CYS A 6 3.06 4.32 0.08
C CYS A 6 3.16 5.81 0.28
N ASP A 7 1.99 6.36 0.33
CA ASP A 7 1.85 7.83 0.51
C ASP A 7 2.60 8.26 1.77
N SER A 8 2.14 7.83 2.90
CA SER A 8 2.84 8.22 4.18
C SER A 8 4.06 7.32 4.37
N ASP A 9 4.63 6.80 3.32
CA ASP A 9 5.82 5.91 3.48
C ASP A 9 7.16 6.65 3.33
N GLY A 10 7.09 7.92 3.02
CA GLY A 10 8.34 8.74 2.86
C GLY A 10 9.47 8.43 3.88
N PRO A 11 9.19 8.51 5.16
CA PRO A 11 10.18 8.23 6.25
C PRO A 11 10.47 6.73 6.45
N ARG A 12 10.00 5.95 5.53
CA ARG A 12 10.16 4.47 5.53
C ARG A 12 10.55 3.92 4.15
N PRO A 13 11.77 4.21 3.76
CA PRO A 13 12.37 3.76 2.46
C PRO A 13 12.75 2.26 2.50
N ARG A 14 13.80 1.92 1.79
CA ARG A 14 14.26 0.50 1.73
C ARG A 14 14.71 -0.02 3.12
N GLY A 15 15.48 -1.08 3.13
CA GLY A 15 15.95 -1.66 4.43
C GLY A 15 14.93 -2.63 5.01
N ASN A 16 14.23 -3.29 4.12
CA ASN A 16 13.18 -4.29 4.52
C ASN A 16 12.06 -3.60 5.32
N THR A 17 11.56 -2.54 4.74
CA THR A 17 10.47 -1.74 5.38
C THR A 17 9.10 -2.12 4.80
N LEU A 18 8.18 -2.56 5.63
CA LEU A 18 6.82 -2.96 5.15
C LEU A 18 5.72 -2.07 5.77
N SER A 19 5.53 -0.96 5.11
CA SER A 19 4.50 0.06 5.55
C SER A 19 3.13 -0.23 4.91
N GLY A 20 3.15 -0.82 3.73
CA GLY A 20 1.88 -1.14 3.01
C GLY A 20 2.10 -2.32 2.05
N ILE A 21 1.14 -3.21 1.93
CA ILE A 21 1.36 -4.36 0.99
C ILE A 21 0.61 -4.02 -0.32
N LEU A 22 1.18 -4.29 -1.46
CA LEU A 22 0.45 -3.96 -2.73
C LEU A 22 -0.77 -4.89 -2.86
N TRP A 23 -1.81 -4.37 -3.44
CA TRP A 23 -3.05 -5.15 -3.64
C TRP A 23 -3.65 -5.18 -5.01
N PHE A 24 -3.98 -6.40 -5.28
CA PHE A 24 -4.60 -6.85 -6.54
C PHE A 24 -6.13 -6.78 -6.51
N TYR A 25 -6.66 -5.67 -6.10
CA TYR A 25 -8.12 -5.48 -6.03
C TYR A 25 -8.51 -4.28 -6.88
N PRO A 26 -9.59 -4.40 -7.59
CA PRO A 26 -10.21 -3.31 -8.40
C PRO A 26 -10.98 -2.30 -7.54
N SER A 27 -11.43 -2.77 -6.41
CA SER A 27 -12.20 -1.92 -5.44
C SER A 27 -11.31 -1.19 -4.44
N GLY A 28 -10.04 -1.19 -4.71
CA GLY A 28 -9.06 -0.52 -3.81
C GLY A 28 -8.52 -1.64 -2.96
N CYS A 29 -8.55 -1.49 -1.66
CA CYS A 29 -8.04 -2.56 -0.78
C CYS A 29 -9.11 -3.62 -0.51
N PRO A 30 -8.71 -4.85 -0.37
CA PRO A 30 -9.61 -5.97 -0.02
C PRO A 30 -10.06 -5.97 1.46
N SER A 31 -11.03 -6.81 1.68
CA SER A 31 -11.65 -7.01 3.02
C SER A 31 -10.61 -7.15 4.16
N GLY A 32 -10.43 -6.08 4.89
CA GLY A 32 -9.45 -6.09 6.04
C GLY A 32 -8.27 -5.14 5.87
N TRP A 33 -8.24 -4.48 4.74
CA TRP A 33 -7.15 -3.53 4.45
C TRP A 33 -7.77 -2.15 4.46
N HIS A 34 -6.97 -1.14 4.66
CA HIS A 34 -7.58 0.22 4.67
C HIS A 34 -6.72 1.27 3.93
N ASN A 35 -6.08 0.82 2.88
CA ASN A 35 -5.19 1.69 2.02
C ASN A 35 -3.92 2.24 2.67
N CYS A 36 -2.86 2.20 1.91
CA CYS A 36 -1.55 2.70 2.39
C CYS A 36 -1.25 3.93 1.50
N LYS A 37 -1.69 3.85 0.27
CA LYS A 37 -1.48 4.98 -0.69
C LYS A 37 -2.66 5.07 -1.65
N ALA A 38 -3.04 6.29 -1.93
CA ALA A 38 -4.18 6.56 -2.85
C ALA A 38 -3.52 7.21 -4.05
N HIS A 39 -2.33 6.76 -4.35
CA HIS A 39 -1.55 7.29 -5.50
C HIS A 39 -1.08 6.09 -6.34
N GLY A 40 -2.05 5.33 -6.77
CA GLY A 40 -1.73 4.12 -7.59
C GLY A 40 -1.11 3.08 -6.64
N PRO A 41 -0.12 2.33 -7.08
CA PRO A 41 0.44 2.28 -8.46
C PRO A 41 -0.59 1.80 -9.51
N ASN A 42 -0.15 1.52 -10.72
CA ASN A 42 -1.07 1.07 -11.78
C ASN A 42 -1.04 -0.42 -11.72
N ILE A 43 -0.28 -0.94 -10.77
CA ILE A 43 -0.21 -2.40 -10.67
C ILE A 43 -0.67 -2.99 -9.33
N GLY A 44 -1.69 -2.36 -8.82
CA GLY A 44 -2.28 -2.79 -7.53
C GLY A 44 -2.17 -1.61 -6.59
N TRP A 45 -3.08 -1.51 -5.69
CA TRP A 45 -3.05 -0.37 -4.72
C TRP A 45 -2.22 -0.79 -3.51
N CYS A 46 -1.35 0.02 -2.96
CA CYS A 46 -0.60 -0.48 -1.79
C CYS A 46 -1.52 -0.07 -0.64
N CYS A 47 -1.79 -1.08 0.13
CA CYS A 47 -2.66 -0.96 1.30
C CYS A 47 -2.08 -1.54 2.54
N LYS A 48 -2.85 -1.54 3.58
CA LYS A 48 -2.34 -2.09 4.81
C LYS A 48 -3.48 -2.65 5.65
N LYS A 49 -3.10 -3.64 6.41
CA LYS A 49 -4.10 -4.30 7.31
C LYS A 49 -4.17 -3.52 8.63
N GLY A 1 1.43 -10.92 -1.52
CA GLY A 1 1.74 -9.81 -2.46
C GLY A 1 3.10 -9.21 -2.11
N VAL A 2 3.58 -8.30 -2.90
CA VAL A 2 4.91 -7.68 -2.59
C VAL A 2 4.63 -6.35 -1.88
N PRO A 3 5.41 -6.01 -0.89
CA PRO A 3 5.35 -4.69 -0.21
C PRO A 3 5.87 -3.56 -1.11
N CYS A 4 5.31 -2.39 -0.94
CA CYS A 4 5.72 -1.21 -1.74
C CYS A 4 5.61 0.06 -0.89
N LEU A 5 6.26 1.10 -1.35
CA LEU A 5 6.25 2.41 -0.64
C LEU A 5 4.93 3.12 -0.94
N CYS A 6 4.50 3.92 0.01
CA CYS A 6 3.21 4.65 -0.19
C CYS A 6 3.20 6.13 0.25
N ASP A 7 2.06 6.54 0.75
CA ASP A 7 1.84 7.92 1.24
C ASP A 7 1.82 7.84 2.77
N SER A 8 0.89 7.06 3.24
CA SER A 8 0.73 6.85 4.72
C SER A 8 1.57 5.64 5.14
N ASP A 9 2.42 5.23 4.23
CA ASP A 9 3.31 4.06 4.48
C ASP A 9 4.34 4.36 5.58
N GLY A 10 3.85 4.40 6.80
CA GLY A 10 4.76 4.68 7.95
C GLY A 10 4.36 5.94 8.75
N PRO A 11 3.39 5.82 9.62
CA PRO A 11 2.89 6.91 10.52
C PRO A 11 3.86 7.22 11.68
N ARG A 12 5.12 7.10 11.38
CA ARG A 12 6.21 7.35 12.36
C ARG A 12 7.37 8.01 11.60
N PRO A 13 8.35 8.53 12.32
CA PRO A 13 9.63 9.00 11.73
C PRO A 13 10.56 7.84 11.27
N ARG A 14 11.76 8.23 10.94
CA ARG A 14 12.85 7.32 10.46
C ARG A 14 12.67 5.80 10.72
N GLY A 15 12.45 5.09 9.65
CA GLY A 15 12.24 3.59 9.72
C GLY A 15 10.87 3.24 9.18
N ASN A 16 10.02 4.24 9.21
CA ASN A 16 8.61 4.18 8.74
C ASN A 16 8.53 3.83 7.25
N THR A 17 8.82 2.59 6.99
CA THR A 17 8.79 2.02 5.62
C THR A 17 8.16 0.62 5.76
N LEU A 18 7.84 -0.01 4.65
CA LEU A 18 7.22 -1.39 4.70
C LEU A 18 6.03 -1.41 5.67
N SER A 19 5.11 -0.54 5.41
CA SER A 19 3.88 -0.39 6.25
C SER A 19 2.66 -0.63 5.33
N GLY A 20 2.79 -1.64 4.50
CA GLY A 20 1.69 -1.99 3.55
C GLY A 20 2.10 -3.04 2.49
N ILE A 21 1.13 -3.75 1.98
CA ILE A 21 1.40 -4.82 0.94
C ILE A 21 0.68 -4.39 -0.36
N LEU A 22 1.23 -4.65 -1.52
CA LEU A 22 0.48 -4.23 -2.75
C LEU A 22 -0.78 -5.10 -2.85
N TRP A 23 -1.82 -4.58 -3.45
CA TRP A 23 -3.08 -5.34 -3.60
C TRP A 23 -3.70 -5.37 -4.97
N PHE A 24 -4.16 -6.57 -5.17
CA PHE A 24 -4.85 -7.04 -6.39
C PHE A 24 -6.38 -6.85 -6.41
N TYR A 25 -6.87 -5.79 -5.83
CA TYR A 25 -8.35 -5.59 -5.83
C TYR A 25 -8.62 -4.42 -6.73
N PRO A 26 -9.30 -4.64 -7.80
CA PRO A 26 -9.53 -3.58 -8.80
C PRO A 26 -10.32 -2.43 -8.14
N SER A 27 -10.96 -2.76 -7.06
CA SER A 27 -11.78 -1.79 -6.28
C SER A 27 -10.98 -1.08 -5.17
N GLY A 28 -9.71 -1.39 -5.06
CA GLY A 28 -8.86 -0.75 -4.00
C GLY A 28 -8.29 -1.85 -3.12
N CYS A 29 -8.40 -1.70 -1.83
CA CYS A 29 -7.87 -2.72 -0.90
C CYS A 29 -8.98 -3.72 -0.54
N PRO A 30 -8.62 -4.94 -0.25
CA PRO A 30 -9.57 -5.97 0.20
C PRO A 30 -10.01 -5.80 1.67
N SER A 31 -11.10 -6.45 1.95
CA SER A 31 -11.72 -6.44 3.31
C SER A 31 -10.65 -6.66 4.40
N GLY A 32 -10.40 -5.62 5.14
CA GLY A 32 -9.40 -5.67 6.25
C GLY A 32 -8.21 -4.77 5.96
N TRP A 33 -8.20 -4.22 4.79
CA TRP A 33 -7.10 -3.32 4.34
C TRP A 33 -7.73 -1.96 4.08
N HIS A 34 -6.95 -0.92 4.23
CA HIS A 34 -7.55 0.42 3.97
C HIS A 34 -6.58 1.39 3.28
N ASN A 35 -5.87 0.84 2.33
CA ASN A 35 -4.86 1.60 1.51
C ASN A 35 -3.65 2.23 2.26
N CYS A 36 -2.56 2.31 1.54
CA CYS A 36 -1.31 2.89 2.09
C CYS A 36 -0.91 4.19 1.33
N LYS A 37 -1.49 4.38 0.17
CA LYS A 37 -1.19 5.59 -0.66
C LYS A 37 -2.43 6.09 -1.40
N ALA A 38 -2.73 7.34 -1.26
CA ALA A 38 -3.93 7.91 -1.95
C ALA A 38 -3.48 8.20 -3.40
N HIS A 39 -2.77 7.27 -3.97
CA HIS A 39 -2.23 7.36 -5.35
C HIS A 39 -2.65 6.00 -5.94
N GLY A 40 -1.72 5.15 -6.31
CA GLY A 40 -2.08 3.80 -6.88
C GLY A 40 -1.35 2.68 -6.11
N PRO A 41 -0.42 1.99 -6.74
CA PRO A 41 -0.01 2.07 -8.19
C PRO A 41 -1.08 1.66 -9.23
N ASN A 42 -0.66 1.44 -10.46
CA ASN A 42 -1.57 1.06 -11.56
C ASN A 42 -1.57 -0.44 -11.60
N ILE A 43 -0.60 -0.98 -10.90
CA ILE A 43 -0.44 -2.43 -10.86
C ILE A 43 -0.90 -3.12 -9.57
N GLY A 44 -1.86 -2.47 -9.00
CA GLY A 44 -2.49 -2.91 -7.74
C GLY A 44 -2.41 -1.65 -6.90
N TRP A 45 -3.12 -1.70 -5.83
CA TRP A 45 -3.14 -0.53 -4.89
C TRP A 45 -2.23 -0.92 -3.73
N CYS A 46 -1.36 -0.09 -3.20
CA CYS A 46 -0.55 -0.60 -2.07
C CYS A 46 -1.44 -0.23 -0.91
N CYS A 47 -1.64 -1.23 -0.12
CA CYS A 47 -2.49 -1.08 1.07
C CYS A 47 -1.80 -1.66 2.25
N LYS A 48 -2.53 -1.76 3.32
CA LYS A 48 -1.95 -2.33 4.55
C LYS A 48 -3.05 -2.99 5.33
N LYS A 49 -2.63 -3.63 6.38
CA LYS A 49 -3.63 -4.31 7.25
C LYS A 49 -3.93 -3.36 8.43
N GLY A 1 2.13 -11.42 -1.00
CA GLY A 1 2.19 -10.21 -1.86
C GLY A 1 3.45 -9.42 -1.54
N VAL A 2 3.76 -8.44 -2.36
CA VAL A 2 4.99 -7.63 -2.10
C VAL A 2 4.53 -6.31 -1.44
N PRO A 3 5.27 -5.84 -0.47
CA PRO A 3 5.15 -4.46 0.08
C PRO A 3 5.64 -3.40 -0.89
N CYS A 4 5.27 -2.19 -0.62
CA CYS A 4 5.69 -1.04 -1.48
C CYS A 4 5.81 0.18 -0.57
N LEU A 5 5.99 1.33 -1.16
CA LEU A 5 6.11 2.59 -0.39
C LEU A 5 4.76 3.27 -0.60
N CYS A 6 4.28 4.00 0.36
CA CYS A 6 2.95 4.66 0.16
C CYS A 6 2.96 6.17 0.32
N ASP A 7 1.76 6.69 0.32
CA ASP A 7 1.56 8.16 0.45
C ASP A 7 1.99 8.56 1.87
N SER A 8 1.12 8.26 2.79
CA SER A 8 1.42 8.60 4.22
C SER A 8 2.26 7.47 4.80
N ASP A 9 3.30 7.14 4.09
CA ASP A 9 4.21 6.04 4.53
C ASP A 9 5.51 6.56 5.15
N GLY A 10 5.74 6.07 6.34
CA GLY A 10 6.94 6.42 7.17
C GLY A 10 7.90 5.21 7.35
N PRO A 11 7.41 4.06 7.77
CA PRO A 11 8.17 2.78 7.87
C PRO A 11 8.13 2.23 6.45
N ARG A 12 8.87 2.95 5.68
CA ARG A 12 9.00 2.62 4.23
C ARG A 12 10.13 1.61 3.98
N PRO A 13 10.02 0.89 2.87
CA PRO A 13 11.05 -0.08 2.41
C PRO A 13 12.35 0.66 2.11
N ARG A 14 13.41 0.04 2.58
CA ARG A 14 14.82 0.50 2.47
C ARG A 14 15.08 1.42 3.67
N GLY A 15 15.88 0.94 4.58
CA GLY A 15 16.21 1.74 5.79
C GLY A 15 15.28 1.40 6.96
N ASN A 16 14.18 0.74 6.68
CA ASN A 16 13.25 0.38 7.80
C ASN A 16 12.47 -0.93 7.54
N THR A 17 11.17 -0.84 7.48
CA THR A 17 10.29 -2.02 7.24
C THR A 17 9.36 -1.72 6.05
N LEU A 18 8.16 -2.23 6.14
CA LEU A 18 7.10 -2.05 5.10
C LEU A 18 5.84 -1.61 5.84
N SER A 19 5.16 -0.66 5.25
CA SER A 19 3.90 -0.14 5.87
C SER A 19 2.67 -0.91 5.40
N GLY A 20 2.82 -1.70 4.37
CA GLY A 20 1.64 -2.47 3.87
C GLY A 20 2.01 -3.41 2.73
N ILE A 21 1.01 -3.83 1.98
CA ILE A 21 1.24 -4.75 0.83
C ILE A 21 0.48 -4.19 -0.38
N LEU A 22 1.00 -4.42 -1.55
CA LEU A 22 0.35 -3.93 -2.79
C LEU A 22 -0.92 -4.78 -3.02
N TRP A 23 -1.97 -4.16 -3.52
CA TRP A 23 -3.22 -4.92 -3.76
C TRP A 23 -3.85 -4.86 -5.15
N PHE A 24 -4.15 -6.09 -5.47
CA PHE A 24 -4.78 -6.50 -6.74
C PHE A 24 -6.31 -6.47 -6.63
N TYR A 25 -6.82 -5.36 -6.17
CA TYR A 25 -8.28 -5.22 -6.01
C TYR A 25 -8.78 -3.99 -6.78
N PRO A 26 -9.94 -4.15 -7.35
CA PRO A 26 -10.67 -3.10 -8.12
C PRO A 26 -11.12 -2.02 -7.14
N SER A 27 -11.36 -2.46 -5.94
CA SER A 27 -11.79 -1.59 -4.82
C SER A 27 -10.56 -1.05 -4.07
N GLY A 28 -9.45 -1.01 -4.76
CA GLY A 28 -8.21 -0.53 -4.11
C GLY A 28 -7.68 -1.72 -3.33
N CYS A 29 -8.22 -1.83 -2.15
CA CYS A 29 -7.86 -2.91 -1.23
C CYS A 29 -8.92 -4.04 -1.24
N PRO A 30 -8.54 -5.14 -0.65
CA PRO A 30 -9.44 -6.16 -0.06
C PRO A 30 -9.80 -5.91 1.42
N SER A 31 -10.77 -6.64 1.87
CA SER A 31 -11.26 -6.53 3.25
C SER A 31 -10.13 -6.89 4.22
N GLY A 32 -10.13 -6.14 5.26
CA GLY A 32 -9.12 -6.28 6.34
C GLY A 32 -7.95 -5.34 6.15
N TRP A 33 -8.00 -4.62 5.06
CA TRP A 33 -6.93 -3.66 4.70
C TRP A 33 -7.54 -2.29 4.84
N HIS A 34 -6.72 -1.28 4.83
CA HIS A 34 -7.27 0.10 4.96
C HIS A 34 -6.57 1.12 4.06
N ASN A 35 -6.11 0.66 2.92
CA ASN A 35 -5.39 1.53 1.92
C ASN A 35 -4.11 2.21 2.46
N CYS A 36 -3.08 2.26 1.65
CA CYS A 36 -1.80 2.89 2.07
C CYS A 36 -1.46 4.07 1.16
N LYS A 37 -1.69 3.88 -0.11
CA LYS A 37 -1.42 4.95 -1.09
C LYS A 37 -2.69 5.04 -1.93
N ALA A 38 -3.07 6.26 -2.22
CA ALA A 38 -4.29 6.52 -3.04
C ALA A 38 -3.74 7.24 -4.26
N HIS A 39 -2.56 6.83 -4.66
CA HIS A 39 -1.88 7.45 -5.85
C HIS A 39 -1.21 6.31 -6.65
N GLY A 40 -2.00 5.34 -7.03
CA GLY A 40 -1.45 4.18 -7.80
C GLY A 40 -0.90 3.13 -6.82
N PRO A 41 -0.05 2.24 -7.26
CA PRO A 41 0.48 2.05 -8.66
C PRO A 41 -0.58 1.65 -9.71
N ASN A 42 -0.15 1.31 -10.90
CA ASN A 42 -1.08 0.91 -11.99
C ASN A 42 -1.16 -0.59 -11.88
N ILE A 43 -0.30 -1.11 -11.03
CA ILE A 43 -0.27 -2.57 -10.85
C ILE A 43 -0.87 -3.05 -9.54
N GLY A 44 -1.84 -2.30 -9.14
CA GLY A 44 -2.59 -2.54 -7.90
C GLY A 44 -2.46 -1.24 -7.16
N TRP A 45 -3.03 -1.22 -6.02
CA TRP A 45 -2.99 -0.01 -5.14
C TRP A 45 -2.29 -0.51 -3.87
N CYS A 46 -1.42 0.24 -3.22
CA CYS A 46 -0.81 -0.33 -2.00
C CYS A 46 -1.71 0.02 -0.83
N CYS A 47 -1.90 -1.01 -0.07
CA CYS A 47 -2.76 -0.95 1.13
C CYS A 47 -2.07 -1.62 2.30
N LYS A 48 -2.73 -1.59 3.43
CA LYS A 48 -2.10 -2.23 4.59
C LYS A 48 -3.12 -2.79 5.54
N LYS A 49 -2.56 -3.48 6.49
CA LYS A 49 -3.36 -4.14 7.56
C LYS A 49 -3.65 -3.13 8.68
N GLY A 1 1.54 -10.79 -1.16
CA GLY A 1 1.80 -9.70 -2.15
C GLY A 1 3.12 -9.00 -1.82
N VAL A 2 3.52 -8.06 -2.63
CA VAL A 2 4.80 -7.34 -2.36
C VAL A 2 4.48 -6.04 -1.61
N PRO A 3 5.31 -5.67 -0.66
CA PRO A 3 5.26 -4.35 0.02
C PRO A 3 5.89 -3.18 -0.78
N CYS A 4 5.19 -2.08 -0.80
CA CYS A 4 5.69 -0.88 -1.52
C CYS A 4 5.88 0.31 -0.55
N LEU A 5 6.27 1.43 -1.11
CA LEU A 5 6.51 2.68 -0.31
C LEU A 5 5.22 3.50 -0.50
N CYS A 6 4.49 3.70 0.58
CA CYS A 6 3.23 4.47 0.49
C CYS A 6 3.28 5.98 0.66
N ASP A 7 2.08 6.49 0.78
CA ASP A 7 1.87 7.96 0.96
C ASP A 7 2.42 8.47 2.29
N SER A 8 1.65 8.34 3.33
CA SER A 8 2.05 8.80 4.70
C SER A 8 3.39 8.16 5.12
N ASP A 9 3.66 7.08 4.45
CA ASP A 9 4.88 6.26 4.64
C ASP A 9 6.19 7.06 4.70
N GLY A 10 6.51 7.73 3.63
CA GLY A 10 7.77 8.53 3.62
C GLY A 10 8.93 7.59 4.04
N PRO A 11 9.91 8.09 4.75
CA PRO A 11 10.98 7.26 5.38
C PRO A 11 10.56 6.67 6.74
N ARG A 12 9.29 6.61 6.98
CA ARG A 12 8.76 6.05 8.27
C ARG A 12 7.60 5.02 8.12
N PRO A 13 7.95 3.80 7.80
CA PRO A 13 7.01 2.62 7.79
C PRO A 13 6.57 2.27 9.23
N ARG A 14 5.34 1.87 9.41
CA ARG A 14 4.84 1.51 10.78
C ARG A 14 4.81 0.00 11.01
N GLY A 15 5.77 -0.44 11.79
CA GLY A 15 5.89 -1.90 12.12
C GLY A 15 7.32 -2.36 11.85
N ASN A 16 8.24 -1.49 12.12
CA ASN A 16 9.73 -1.72 11.93
C ASN A 16 10.06 -1.59 10.45
N THR A 17 9.29 -2.23 9.63
CA THR A 17 9.50 -2.17 8.15
C THR A 17 8.13 -2.35 7.49
N LEU A 18 8.12 -2.39 6.18
CA LEU A 18 6.85 -2.56 5.39
C LEU A 18 5.92 -1.35 5.59
N SER A 19 5.33 -0.88 4.52
CA SER A 19 4.42 0.29 4.68
C SER A 19 3.07 0.09 4.01
N GLY A 20 2.98 -0.95 3.23
CA GLY A 20 1.68 -1.21 2.54
C GLY A 20 1.88 -2.38 1.60
N ILE A 21 0.99 -3.33 1.65
CA ILE A 21 1.19 -4.48 0.70
C ILE A 21 0.39 -4.13 -0.55
N LEU A 22 0.98 -4.26 -1.70
CA LEU A 22 0.22 -3.95 -2.95
C LEU A 22 -0.94 -4.92 -3.03
N TRP A 23 -2.00 -4.45 -3.61
CA TRP A 23 -3.21 -5.27 -3.76
C TRP A 23 -3.78 -5.33 -5.14
N PHE A 24 -4.11 -6.55 -5.41
CA PHE A 24 -4.71 -6.98 -6.68
C PHE A 24 -6.25 -6.89 -6.66
N TYR A 25 -6.77 -5.79 -6.21
CA TYR A 25 -8.24 -5.59 -6.16
C TYR A 25 -8.64 -4.44 -7.05
N PRO A 26 -9.77 -4.63 -7.65
CA PRO A 26 -10.42 -3.63 -8.50
C PRO A 26 -11.09 -2.55 -7.63
N SER A 27 -11.61 -3.00 -6.53
CA SER A 27 -12.33 -2.12 -5.56
C SER A 27 -11.38 -1.52 -4.51
N GLY A 28 -10.21 -1.15 -4.96
CA GLY A 28 -9.21 -0.56 -4.02
C GLY A 28 -8.67 -1.69 -3.13
N CYS A 29 -8.56 -1.47 -1.85
CA CYS A 29 -8.04 -2.54 -0.98
C CYS A 29 -9.07 -3.68 -0.81
N PRO A 30 -8.58 -4.85 -0.49
CA PRO A 30 -9.43 -5.97 0.00
C PRO A 30 -9.77 -5.83 1.48
N SER A 31 -10.82 -6.51 1.83
CA SER A 31 -11.34 -6.52 3.22
C SER A 31 -10.20 -6.82 4.18
N GLY A 32 -10.19 -6.02 5.20
CA GLY A 32 -9.16 -6.12 6.28
C GLY A 32 -8.00 -5.15 6.05
N TRP A 33 -8.05 -4.48 4.93
CA TRP A 33 -7.00 -3.51 4.56
C TRP A 33 -7.67 -2.17 4.59
N HIS A 34 -6.89 -1.14 4.75
CA HIS A 34 -7.52 0.22 4.79
C HIS A 34 -6.68 1.26 4.04
N ASN A 35 -6.16 0.84 2.91
CA ASN A 35 -5.32 1.72 2.02
C ASN A 35 -3.99 2.21 2.64
N CYS A 36 -2.94 2.20 1.85
CA CYS A 36 -1.61 2.65 2.34
C CYS A 36 -1.27 3.90 1.53
N LYS A 37 -1.57 3.84 0.27
CA LYS A 37 -1.30 5.00 -0.62
C LYS A 37 -2.50 5.15 -1.52
N ALA A 38 -2.75 6.37 -1.90
CA ALA A 38 -3.90 6.66 -2.80
C ALA A 38 -3.23 7.29 -4.00
N HIS A 39 -2.06 6.80 -4.30
CA HIS A 39 -1.26 7.32 -5.46
C HIS A 39 -0.86 6.13 -6.35
N GLY A 40 -1.86 5.39 -6.76
CA GLY A 40 -1.57 4.21 -7.62
C GLY A 40 -0.95 3.15 -6.69
N PRO A 41 -0.07 2.31 -7.18
CA PRO A 41 0.45 2.20 -8.58
C PRO A 41 -0.67 1.76 -9.56
N ASN A 42 -0.31 1.48 -10.79
CA ASN A 42 -1.31 1.06 -11.80
C ASN A 42 -1.27 -0.43 -11.74
N ILE A 43 -0.43 -0.95 -10.86
CA ILE A 43 -0.31 -2.41 -10.74
C ILE A 43 -0.74 -3.02 -9.38
N GLY A 44 -1.73 -2.42 -8.83
CA GLY A 44 -2.28 -2.87 -7.51
C GLY A 44 -2.17 -1.78 -6.47
N TRP A 45 -3.19 -1.66 -5.68
CA TRP A 45 -3.18 -0.59 -4.63
C TRP A 45 -2.33 -0.98 -3.45
N CYS A 46 -1.42 -0.16 -2.99
CA CYS A 46 -0.62 -0.61 -1.82
C CYS A 46 -1.53 -0.13 -0.70
N CYS A 47 -1.85 -1.13 0.06
CA CYS A 47 -2.72 -0.97 1.23
C CYS A 47 -2.12 -1.57 2.43
N LYS A 48 -2.83 -1.50 3.51
CA LYS A 48 -2.27 -2.07 4.72
C LYS A 48 -3.38 -2.56 5.62
N LYS A 49 -3.01 -3.54 6.38
CA LYS A 49 -3.98 -4.17 7.34
C LYS A 49 -4.11 -3.34 8.63
N GLY A 1 1.87 -11.17 -2.06
CA GLY A 1 1.63 -9.71 -1.89
C GLY A 1 2.98 -9.00 -1.69
N VAL A 2 3.27 -8.04 -2.53
CA VAL A 2 4.56 -7.30 -2.39
C VAL A 2 4.32 -5.98 -1.64
N PRO A 3 5.18 -5.67 -0.70
CA PRO A 3 5.24 -4.34 -0.01
C PRO A 3 5.87 -3.19 -0.79
N CYS A 4 5.13 -2.12 -0.86
CA CYS A 4 5.61 -0.92 -1.57
C CYS A 4 5.66 0.30 -0.64
N LEU A 5 6.08 1.40 -1.21
CA LEU A 5 6.19 2.67 -0.45
C LEU A 5 4.83 3.36 -0.65
N CYS A 6 4.38 4.07 0.35
CA CYS A 6 3.08 4.78 0.24
C CYS A 6 3.19 6.31 0.40
N ASP A 7 2.03 6.90 0.50
CA ASP A 7 1.96 8.38 0.67
C ASP A 7 2.07 8.74 2.15
N SER A 8 1.22 8.05 2.87
CA SER A 8 1.12 8.18 4.35
C SER A 8 2.42 7.64 4.95
N ASP A 9 2.93 6.68 4.24
CA ASP A 9 4.21 5.99 4.61
C ASP A 9 5.28 7.04 4.91
N GLY A 10 5.68 7.69 3.85
CA GLY A 10 6.73 8.75 3.95
C GLY A 10 8.07 8.18 4.42
N PRO A 11 9.12 8.95 4.27
CA PRO A 11 10.48 8.59 4.76
C PRO A 11 10.59 8.85 6.27
N ARG A 12 9.54 8.55 6.96
CA ARG A 12 9.52 8.77 8.45
C ARG A 12 10.04 7.56 9.22
N PRO A 13 10.48 7.78 10.45
CA PRO A 13 10.91 6.72 11.40
C PRO A 13 9.71 5.91 11.94
N ARG A 14 9.01 5.33 11.01
CA ARG A 14 7.81 4.49 11.32
C ARG A 14 7.30 3.81 10.06
N GLY A 15 7.32 2.49 10.04
CA GLY A 15 6.84 1.73 8.84
C GLY A 15 7.57 2.21 7.58
N ASN A 16 8.79 2.61 7.78
CA ASN A 16 9.64 3.11 6.64
C ASN A 16 9.80 2.00 5.58
N THR A 17 10.07 0.83 6.06
CA THR A 17 10.26 -0.35 5.15
C THR A 17 8.96 -1.16 5.30
N LEU A 18 8.66 -1.93 4.29
CA LEU A 18 7.43 -2.78 4.25
C LEU A 18 6.27 -1.99 4.89
N SER A 19 5.90 -0.94 4.21
CA SER A 19 4.79 -0.05 4.68
C SER A 19 3.46 -0.57 4.15
N GLY A 20 3.22 -1.83 4.41
CA GLY A 20 1.95 -2.48 3.94
C GLY A 20 2.18 -3.33 2.69
N ILE A 21 1.10 -3.69 2.03
CA ILE A 21 1.21 -4.52 0.78
C ILE A 21 0.33 -4.00 -0.36
N LEU A 22 0.80 -4.18 -1.57
CA LEU A 22 0.05 -3.75 -2.78
C LEU A 22 -1.17 -4.64 -2.96
N TRP A 23 -2.20 -4.13 -3.57
CA TRP A 23 -3.41 -4.96 -3.75
C TRP A 23 -3.99 -4.98 -5.14
N PHE A 24 -4.27 -6.20 -5.42
CA PHE A 24 -4.85 -6.63 -6.71
C PHE A 24 -6.38 -6.58 -6.63
N TYR A 25 -6.88 -5.43 -6.26
CA TYR A 25 -8.36 -5.27 -6.17
C TYR A 25 -8.88 -4.13 -7.02
N PRO A 26 -9.69 -4.43 -8.00
CA PRO A 26 -10.20 -3.44 -8.99
C PRO A 26 -11.09 -2.38 -8.32
N SER A 27 -11.44 -2.64 -7.10
CA SER A 27 -12.30 -1.70 -6.32
C SER A 27 -11.50 -1.01 -5.21
N GLY A 28 -10.21 -1.29 -5.17
CA GLY A 28 -9.32 -0.68 -4.13
C GLY A 28 -8.57 -1.79 -3.42
N CYS A 29 -8.84 -2.01 -2.16
CA CYS A 29 -8.16 -3.06 -1.39
C CYS A 29 -9.17 -3.89 -0.60
N PRO A 30 -8.79 -5.09 -0.28
CA PRO A 30 -9.70 -6.13 0.24
C PRO A 30 -10.05 -5.96 1.71
N SER A 31 -11.11 -6.62 2.08
CA SER A 31 -11.62 -6.59 3.47
C SER A 31 -10.49 -6.92 4.46
N GLY A 32 -10.20 -5.95 5.27
CA GLY A 32 -9.13 -6.10 6.31
C GLY A 32 -7.97 -5.16 6.05
N TRP A 33 -8.02 -4.50 4.92
CA TRP A 33 -6.95 -3.55 4.56
C TRP A 33 -7.58 -2.20 4.66
N HIS A 34 -6.77 -1.20 4.80
CA HIS A 34 -7.35 0.17 4.92
C HIS A 34 -6.59 1.24 4.13
N ASN A 35 -6.05 0.83 3.02
CA ASN A 35 -5.27 1.67 2.09
C ASN A 35 -4.05 2.38 2.68
N CYS A 36 -2.99 2.36 1.92
CA CYS A 36 -1.71 3.01 2.34
C CYS A 36 -1.44 4.22 1.46
N LYS A 37 -1.73 4.03 0.19
CA LYS A 37 -1.53 5.10 -0.81
C LYS A 37 -2.80 5.17 -1.66
N ALA A 38 -3.13 6.38 -2.02
CA ALA A 38 -4.34 6.66 -2.84
C ALA A 38 -3.80 7.31 -4.10
N HIS A 39 -2.60 6.93 -4.45
CA HIS A 39 -1.94 7.49 -5.66
C HIS A 39 -1.32 6.31 -6.42
N GLY A 40 -2.16 5.42 -6.86
CA GLY A 40 -1.65 4.22 -7.60
C GLY A 40 -1.04 3.29 -6.56
N PRO A 41 -0.12 2.43 -6.93
CA PRO A 41 0.44 2.19 -8.30
C PRO A 41 -0.53 1.45 -9.26
N ASN A 42 0.00 1.04 -10.39
CA ASN A 42 -0.81 0.32 -11.39
C ASN A 42 -0.66 -1.12 -11.09
N ILE A 43 0.35 -1.39 -10.28
CA ILE A 43 0.61 -2.79 -9.93
C ILE A 43 -0.13 -3.25 -8.68
N GLY A 44 -1.20 -2.57 -8.44
CA GLY A 44 -2.07 -2.87 -7.26
C GLY A 44 -2.02 -1.70 -6.28
N TRP A 45 -3.16 -1.35 -5.75
CA TRP A 45 -3.20 -0.19 -4.77
C TRP A 45 -2.32 -0.55 -3.56
N CYS A 46 -1.49 0.31 -3.02
CA CYS A 46 -0.69 -0.15 -1.85
C CYS A 46 -1.54 0.18 -0.64
N CYS A 47 -1.70 -0.86 0.11
CA CYS A 47 -2.50 -0.79 1.34
C CYS A 47 -1.81 -1.51 2.46
N LYS A 48 -2.53 -1.64 3.54
CA LYS A 48 -1.96 -2.35 4.70
C LYS A 48 -3.11 -2.96 5.44
N LYS A 49 -2.74 -3.73 6.40
CA LYS A 49 -3.75 -4.43 7.26
C LYS A 49 -3.96 -3.66 8.57
N GLY A 1 1.23 -10.66 -1.26
CA GLY A 1 1.52 -9.44 -2.06
C GLY A 1 2.87 -8.86 -1.65
N VAL A 2 3.40 -7.96 -2.44
CA VAL A 2 4.73 -7.37 -2.08
C VAL A 2 4.51 -6.13 -1.20
N PRO A 3 5.28 -5.96 -0.15
CA PRO A 3 5.30 -4.70 0.63
C PRO A 3 5.87 -3.55 -0.22
N CYS A 4 5.24 -2.41 -0.17
CA CYS A 4 5.69 -1.22 -0.95
C CYS A 4 5.70 0.06 -0.11
N LEU A 5 6.16 1.13 -0.72
CA LEU A 5 6.22 2.44 0.01
C LEU A 5 5.01 3.21 -0.54
N CYS A 6 4.34 3.96 0.30
CA CYS A 6 3.14 4.72 -0.16
C CYS A 6 3.15 6.25 -0.19
N ASP A 7 2.08 6.87 0.20
CA ASP A 7 2.05 8.38 0.18
C ASP A 7 3.16 8.95 1.08
N SER A 8 3.68 8.10 1.94
CA SER A 8 4.78 8.50 2.87
C SER A 8 6.13 8.17 2.17
N ASP A 9 6.01 7.84 0.93
CA ASP A 9 7.20 7.48 0.10
C ASP A 9 7.81 8.78 -0.36
N GLY A 10 8.55 9.37 0.55
CA GLY A 10 9.22 10.66 0.21
C GLY A 10 10.38 10.32 -0.74
N PRO A 11 11.37 11.17 -0.83
CA PRO A 11 12.57 10.97 -1.70
C PRO A 11 13.51 9.94 -1.08
N ARG A 12 12.93 8.90 -0.56
CA ARG A 12 13.67 7.79 0.09
C ARG A 12 13.30 6.50 -0.66
N PRO A 13 14.28 5.68 -0.97
CA PRO A 13 14.07 4.42 -1.74
C PRO A 13 13.15 3.38 -1.08
N ARG A 14 12.60 2.59 -1.96
CA ARG A 14 11.66 1.49 -1.57
C ARG A 14 12.48 0.39 -0.87
N GLY A 15 11.83 -0.29 0.04
CA GLY A 15 12.52 -1.39 0.79
C GLY A 15 12.89 -0.91 2.18
N ASN A 16 13.15 0.37 2.28
CA ASN A 16 13.52 1.02 3.58
C ASN A 16 12.62 0.57 4.73
N THR A 17 11.36 0.49 4.45
CA THR A 17 10.36 0.06 5.46
C THR A 17 9.21 -0.63 4.72
N LEU A 18 8.55 -1.51 5.41
CA LEU A 18 7.40 -2.26 4.81
C LEU A 18 6.15 -1.66 5.44
N SER A 19 5.62 -0.66 4.79
CA SER A 19 4.40 0.05 5.28
C SER A 19 3.05 -0.51 4.79
N GLY A 20 3.04 -1.75 4.38
CA GLY A 20 1.77 -2.36 3.90
C GLY A 20 2.08 -3.40 2.83
N ILE A 21 1.07 -3.77 2.07
CA ILE A 21 1.25 -4.78 0.97
C ILE A 21 0.50 -4.31 -0.30
N LEU A 22 1.08 -4.66 -1.41
CA LEU A 22 0.52 -4.29 -2.75
C LEU A 22 -0.76 -5.10 -2.98
N TRP A 23 -1.79 -4.44 -3.45
CA TRP A 23 -3.07 -5.14 -3.71
C TRP A 23 -3.68 -5.08 -5.10
N PHE A 24 -4.05 -6.28 -5.41
CA PHE A 24 -4.69 -6.71 -6.67
C PHE A 24 -6.23 -6.61 -6.64
N TYR A 25 -6.77 -5.58 -6.05
CA TYR A 25 -8.25 -5.46 -6.00
C TYR A 25 -8.75 -4.30 -6.81
N PRO A 26 -9.64 -4.60 -7.71
CA PRO A 26 -10.21 -3.62 -8.63
C PRO A 26 -11.04 -2.62 -7.81
N SER A 27 -11.49 -3.08 -6.68
CA SER A 27 -12.31 -2.27 -5.74
C SER A 27 -11.45 -1.46 -4.76
N GLY A 28 -10.16 -1.51 -4.95
CA GLY A 28 -9.22 -0.76 -4.07
C GLY A 28 -8.47 -1.81 -3.25
N CYS A 29 -8.61 -1.76 -1.95
CA CYS A 29 -7.93 -2.73 -1.08
C CYS A 29 -8.96 -3.84 -0.77
N PRO A 30 -8.48 -5.02 -0.48
CA PRO A 30 -9.35 -6.14 -0.06
C PRO A 30 -9.84 -6.04 1.40
N SER A 31 -10.76 -6.93 1.67
CA SER A 31 -11.42 -7.06 2.99
C SER A 31 -10.45 -7.04 4.17
N GLY A 32 -10.40 -5.92 4.85
CA GLY A 32 -9.50 -5.78 6.04
C GLY A 32 -8.31 -4.86 5.82
N TRP A 33 -8.25 -4.26 4.67
CA TRP A 33 -7.12 -3.34 4.35
C TRP A 33 -7.70 -1.94 4.28
N HIS A 34 -6.87 -0.95 4.32
CA HIS A 34 -7.43 0.44 4.26
C HIS A 34 -6.53 1.43 3.48
N ASN A 35 -5.96 0.88 2.44
CA ASN A 35 -5.04 1.63 1.52
C ASN A 35 -3.80 2.25 2.20
N CYS A 36 -2.74 2.27 1.46
CA CYS A 36 -1.46 2.83 1.95
C CYS A 36 -1.09 3.95 0.99
N LYS A 37 -1.21 3.62 -0.26
CA LYS A 37 -0.90 4.58 -1.34
C LYS A 37 -2.22 5.02 -1.99
N ALA A 38 -2.61 6.21 -1.60
CA ALA A 38 -3.87 6.83 -2.13
C ALA A 38 -3.54 7.49 -3.47
N HIS A 39 -2.37 7.18 -3.96
CA HIS A 39 -1.90 7.74 -5.25
C HIS A 39 -1.48 6.59 -6.18
N GLY A 40 -2.23 5.53 -6.10
CA GLY A 40 -1.95 4.33 -6.95
C GLY A 40 -1.13 3.29 -6.19
N PRO A 41 -0.31 2.52 -6.87
CA PRO A 41 -0.03 2.55 -8.35
C PRO A 41 -1.22 1.91 -9.10
N ASN A 42 -1.13 1.72 -10.40
CA ASN A 42 -2.27 1.10 -11.13
C ASN A 42 -1.99 -0.37 -11.14
N ILE A 43 -0.78 -0.68 -10.77
CA ILE A 43 -0.38 -2.09 -10.76
C ILE A 43 -0.76 -2.80 -9.47
N GLY A 44 -1.80 -2.25 -8.93
CA GLY A 44 -2.42 -2.71 -7.66
C GLY A 44 -2.29 -1.56 -6.69
N TRP A 45 -3.29 -1.38 -5.90
CA TRP A 45 -3.27 -0.26 -4.91
C TRP A 45 -2.36 -0.76 -3.80
N CYS A 46 -1.41 0.00 -3.29
CA CYS A 46 -0.60 -0.61 -2.21
C CYS A 46 -1.44 -0.19 -1.02
N CYS A 47 -1.73 -1.18 -0.23
CA CYS A 47 -2.55 -0.97 0.98
C CYS A 47 -1.86 -1.53 2.18
N LYS A 48 -2.56 -1.59 3.27
CA LYS A 48 -1.96 -2.13 4.49
C LYS A 48 -3.07 -2.72 5.32
N LYS A 49 -2.65 -3.38 6.35
CA LYS A 49 -3.63 -4.02 7.27
C LYS A 49 -3.71 -3.16 8.55
N GLY A 1 1.13 -10.87 -1.81
CA GLY A 1 1.41 -9.55 -2.45
C GLY A 1 2.85 -9.10 -2.14
N VAL A 2 3.22 -7.95 -2.63
CA VAL A 2 4.60 -7.42 -2.40
C VAL A 2 4.47 -6.18 -1.50
N PRO A 3 5.30 -6.04 -0.49
CA PRO A 3 5.40 -4.79 0.31
C PRO A 3 6.10 -3.63 -0.41
N CYS A 4 5.31 -2.60 -0.62
CA CYS A 4 5.74 -1.35 -1.31
C CYS A 4 5.50 -0.17 -0.37
N LEU A 5 6.12 0.96 -0.67
CA LEU A 5 5.92 2.15 0.23
C LEU A 5 4.72 2.94 -0.30
N CYS A 6 4.31 3.96 0.42
CA CYS A 6 3.11 4.72 -0.06
C CYS A 6 3.08 6.24 -0.10
N ASP A 7 1.94 6.82 0.20
CA ASP A 7 1.88 8.32 0.16
C ASP A 7 2.96 8.88 1.11
N SER A 8 3.25 8.17 2.16
CA SER A 8 4.29 8.67 3.11
C SER A 8 5.71 8.34 2.57
N ASP A 9 5.78 7.98 1.31
CA ASP A 9 7.08 7.64 0.62
C ASP A 9 7.85 8.93 0.33
N GLY A 10 8.22 9.59 1.39
CA GLY A 10 8.98 10.87 1.29
C GLY A 10 9.90 10.95 2.52
N PRO A 11 10.50 12.10 2.74
CA PRO A 11 11.70 12.29 3.63
C PRO A 11 11.37 12.29 5.14
N ARG A 12 10.41 11.50 5.52
CA ARG A 12 10.00 11.40 6.95
C ARG A 12 10.20 9.95 7.43
N PRO A 13 10.97 9.72 8.47
CA PRO A 13 11.33 8.34 8.95
C PRO A 13 10.17 7.58 9.64
N ARG A 14 9.14 7.39 8.86
CA ARG A 14 7.91 6.68 9.31
C ARG A 14 7.34 5.94 8.12
N GLY A 15 6.92 4.72 8.33
CA GLY A 15 6.34 3.90 7.22
C GLY A 15 7.41 3.36 6.28
N ASN A 16 8.39 4.18 6.03
CA ASN A 16 9.54 3.83 5.11
C ASN A 16 9.86 2.34 4.90
N THR A 17 9.79 1.61 5.96
CA THR A 17 10.07 0.15 5.93
C THR A 17 8.83 -0.73 5.80
N LEU A 18 8.61 -1.16 4.59
CA LEU A 18 7.47 -2.05 4.21
C LEU A 18 6.17 -1.87 5.01
N SER A 19 5.69 -0.67 5.04
CA SER A 19 4.44 -0.39 5.79
C SER A 19 3.19 -0.58 4.92
N GLY A 20 3.06 -1.77 4.40
CA GLY A 20 1.86 -2.07 3.54
C GLY A 20 2.13 -3.17 2.52
N ILE A 21 1.08 -3.75 2.00
CA ILE A 21 1.23 -4.85 0.98
C ILE A 21 0.45 -4.42 -0.28
N LEU A 22 1.04 -4.65 -1.41
CA LEU A 22 0.48 -4.34 -2.74
C LEU A 22 -0.78 -5.20 -2.92
N TRP A 23 -1.78 -4.66 -3.56
CA TRP A 23 -3.04 -5.39 -3.79
C TRP A 23 -3.65 -5.42 -5.17
N PHE A 24 -4.00 -6.65 -5.44
CA PHE A 24 -4.63 -7.10 -6.69
C PHE A 24 -6.15 -6.96 -6.56
N TYR A 25 -6.57 -5.77 -6.22
CA TYR A 25 -8.03 -5.52 -6.06
C TYR A 25 -8.52 -4.30 -6.85
N PRO A 26 -9.46 -4.53 -7.74
CA PRO A 26 -10.02 -3.47 -8.63
C PRO A 26 -10.84 -2.46 -7.82
N SER A 27 -11.11 -2.83 -6.60
CA SER A 27 -11.88 -1.98 -5.65
C SER A 27 -10.94 -1.13 -4.80
N GLY A 28 -9.68 -1.44 -4.89
CA GLY A 28 -8.67 -0.70 -4.10
C GLY A 28 -8.10 -1.78 -3.21
N CYS A 29 -8.44 -1.72 -1.95
CA CYS A 29 -7.95 -2.72 -1.01
C CYS A 29 -9.04 -3.77 -0.79
N PRO A 30 -8.63 -4.98 -0.48
CA PRO A 30 -9.56 -6.04 -0.02
C PRO A 30 -9.97 -5.94 1.46
N SER A 31 -11.01 -6.68 1.73
CA SER A 31 -11.63 -6.79 3.08
C SER A 31 -10.60 -6.93 4.21
N GLY A 32 -10.41 -5.86 4.93
CA GLY A 32 -9.44 -5.86 6.08
C GLY A 32 -8.25 -4.92 5.86
N TRP A 33 -8.20 -4.33 4.71
CA TRP A 33 -7.09 -3.39 4.37
C TRP A 33 -7.70 -2.00 4.28
N HIS A 34 -6.87 -1.00 4.26
CA HIS A 34 -7.45 0.40 4.19
C HIS A 34 -6.55 1.42 3.43
N ASN A 35 -5.99 0.92 2.37
CA ASN A 35 -5.08 1.64 1.42
C ASN A 35 -3.88 2.37 2.06
N CYS A 36 -2.80 2.38 1.33
CA CYS A 36 -1.56 3.05 1.81
C CYS A 36 -1.15 4.20 0.89
N LYS A 37 -1.26 4.00 -0.39
CA LYS A 37 -0.88 5.09 -1.34
C LYS A 37 -2.16 5.70 -1.92
N ALA A 38 -2.50 6.89 -1.47
CA ALA A 38 -3.74 7.56 -1.98
C ALA A 38 -3.66 7.93 -3.48
N HIS A 39 -2.72 7.34 -4.16
CA HIS A 39 -2.51 7.58 -5.61
C HIS A 39 -2.47 6.24 -6.38
N GLY A 40 -2.52 5.14 -5.65
CA GLY A 40 -2.50 3.78 -6.30
C GLY A 40 -1.51 2.80 -5.61
N PRO A 41 -0.52 2.29 -6.31
CA PRO A 41 -0.22 2.53 -7.76
C PRO A 41 -1.30 1.90 -8.68
N ASN A 42 -1.09 1.85 -9.98
CA ASN A 42 -2.11 1.25 -10.86
C ASN A 42 -1.73 -0.18 -11.04
N ILE A 43 -0.57 -0.51 -10.50
CA ILE A 43 -0.10 -1.90 -10.64
C ILE A 43 -0.49 -2.74 -9.41
N GLY A 44 -1.62 -2.34 -8.92
CA GLY A 44 -2.25 -2.95 -7.72
C GLY A 44 -2.21 -1.79 -6.75
N TRP A 45 -3.10 -1.80 -5.82
CA TRP A 45 -3.11 -0.67 -4.82
C TRP A 45 -2.16 -1.03 -3.69
N CYS A 46 -1.32 -0.17 -3.21
CA CYS A 46 -0.44 -0.65 -2.10
C CYS A 46 -1.33 -0.20 -0.97
N CYS A 47 -1.68 -1.19 -0.21
CA CYS A 47 -2.57 -0.97 0.95
C CYS A 47 -1.91 -1.56 2.17
N LYS A 48 -2.62 -1.54 3.24
CA LYS A 48 -2.05 -2.11 4.47
C LYS A 48 -3.21 -2.62 5.30
N LYS A 49 -2.83 -3.27 6.34
CA LYS A 49 -3.88 -3.81 7.28
C LYS A 49 -4.06 -2.76 8.38
N GLY A 1 2.45 -11.45 -1.16
CA GLY A 1 2.37 -10.10 -1.76
C GLY A 1 3.61 -9.28 -1.38
N VAL A 2 3.94 -8.30 -2.19
CA VAL A 2 5.14 -7.47 -1.89
C VAL A 2 4.65 -6.29 -1.03
N PRO A 3 5.43 -5.88 -0.05
CA PRO A 3 5.27 -4.57 0.63
C PRO A 3 5.82 -3.41 -0.19
N CYS A 4 5.04 -2.36 -0.29
CA CYS A 4 5.49 -1.17 -1.07
C CYS A 4 5.53 0.10 -0.21
N LEU A 5 5.96 1.15 -0.85
CA LEU A 5 6.07 2.48 -0.18
C LEU A 5 4.75 3.20 -0.51
N CYS A 6 4.35 4.05 0.39
CA CYS A 6 3.09 4.81 0.23
C CYS A 6 3.23 6.24 0.76
N ASP A 7 2.12 6.94 0.75
CA ASP A 7 2.12 8.35 1.24
C ASP A 7 2.10 8.30 2.77
N SER A 8 1.25 7.44 3.28
CA SER A 8 1.12 7.28 4.75
C SER A 8 1.72 5.91 5.10
N ASP A 9 2.73 5.52 4.37
CA ASP A 9 3.38 4.21 4.61
C ASP A 9 4.17 4.19 5.93
N GLY A 10 3.43 4.03 7.00
CA GLY A 10 4.05 3.98 8.37
C GLY A 10 4.86 5.25 8.70
N PRO A 11 4.18 6.38 8.76
CA PRO A 11 4.79 7.75 8.79
C PRO A 11 5.52 8.13 10.11
N ARG A 12 5.98 7.13 10.79
CA ARG A 12 6.72 7.27 12.09
C ARG A 12 7.87 6.24 12.09
N PRO A 13 8.84 6.42 12.95
CA PRO A 13 10.03 5.50 13.06
C PRO A 13 9.68 4.11 13.61
N ARG A 14 8.90 3.42 12.84
CA ARG A 14 8.45 2.04 13.17
C ARG A 14 8.57 1.29 11.84
N GLY A 15 9.09 0.09 11.84
CA GLY A 15 9.22 -0.67 10.55
C GLY A 15 10.42 -0.15 9.73
N ASN A 16 10.65 1.14 9.84
CA ASN A 16 11.74 1.90 9.15
C ASN A 16 11.26 2.19 7.75
N THR A 17 10.92 1.14 7.03
CA THR A 17 10.42 1.30 5.63
C THR A 17 9.48 0.11 5.41
N LEU A 18 8.55 0.23 4.49
CA LEU A 18 7.56 -0.87 4.17
C LEU A 18 6.53 -1.03 5.31
N SER A 19 5.31 -0.69 5.04
CA SER A 19 4.24 -0.80 6.09
C SER A 19 2.90 -1.21 5.45
N GLY A 20 2.96 -1.99 4.40
CA GLY A 20 1.69 -2.43 3.72
C GLY A 20 2.02 -3.42 2.63
N ILE A 21 1.03 -3.89 1.91
CA ILE A 21 1.25 -4.89 0.81
C ILE A 21 0.45 -4.42 -0.40
N LEU A 22 0.99 -4.62 -1.58
CA LEU A 22 0.24 -4.18 -2.79
C LEU A 22 -1.03 -5.03 -2.93
N TRP A 23 -1.99 -4.50 -3.62
CA TRP A 23 -3.28 -5.21 -3.82
C TRP A 23 -3.89 -5.16 -5.21
N PHE A 24 -4.27 -6.37 -5.52
CA PHE A 24 -4.91 -6.79 -6.78
C PHE A 24 -6.44 -6.69 -6.71
N TYR A 25 -6.96 -5.63 -6.13
CA TYR A 25 -8.42 -5.46 -6.03
C TYR A 25 -8.83 -4.25 -6.82
N PRO A 26 -9.90 -4.40 -7.53
CA PRO A 26 -10.45 -3.34 -8.37
C PRO A 26 -11.03 -2.25 -7.45
N SER A 27 -11.23 -2.64 -6.23
CA SER A 27 -11.79 -1.78 -5.16
C SER A 27 -10.64 -1.18 -4.33
N GLY A 28 -9.48 -1.10 -4.92
CA GLY A 28 -8.33 -0.54 -4.17
C GLY A 28 -7.81 -1.72 -3.35
N CYS A 29 -8.30 -1.77 -2.14
CA CYS A 29 -7.92 -2.83 -1.21
C CYS A 29 -8.98 -3.95 -1.19
N PRO A 30 -8.58 -5.07 -0.62
CA PRO A 30 -9.47 -6.09 -0.02
C PRO A 30 -9.82 -5.89 1.48
N SER A 31 -10.87 -6.56 1.83
CA SER A 31 -11.46 -6.57 3.19
C SER A 31 -10.44 -6.88 4.29
N GLY A 32 -10.19 -5.89 5.10
CA GLY A 32 -9.22 -6.03 6.23
C GLY A 32 -8.03 -5.09 6.05
N TRP A 33 -8.01 -4.46 4.91
CA TRP A 33 -6.94 -3.50 4.55
C TRP A 33 -7.58 -2.13 4.56
N HIS A 34 -6.79 -1.11 4.39
CA HIS A 34 -7.38 0.26 4.40
C HIS A 34 -6.60 1.26 3.52
N ASN A 35 -5.98 0.71 2.51
CA ASN A 35 -5.16 1.49 1.53
C ASN A 35 -3.96 2.17 2.23
N CYS A 36 -2.91 2.42 1.48
CA CYS A 36 -1.70 3.07 2.08
C CYS A 36 -1.33 4.45 1.47
N LYS A 37 -1.48 4.53 0.19
CA LYS A 37 -1.18 5.78 -0.58
C LYS A 37 -2.40 5.96 -1.45
N ALA A 38 -2.98 7.12 -1.50
CA ALA A 38 -4.19 7.25 -2.38
C ALA A 38 -3.70 7.39 -3.83
N HIS A 39 -2.50 6.94 -4.13
CA HIS A 39 -1.98 7.06 -5.52
C HIS A 39 -1.22 5.82 -6.02
N GLY A 40 -1.87 5.11 -6.90
CA GLY A 40 -1.32 3.86 -7.52
C GLY A 40 -1.01 2.75 -6.50
N PRO A 41 -0.19 1.78 -6.88
CA PRO A 41 0.43 1.51 -8.22
C PRO A 41 -0.58 1.40 -9.37
N ASN A 42 -0.10 1.17 -10.57
CA ASN A 42 -1.00 1.05 -11.74
C ASN A 42 -1.27 -0.42 -11.85
N ILE A 43 -0.55 -1.17 -11.05
CA ILE A 43 -0.70 -2.62 -11.07
C ILE A 43 -1.55 -3.18 -9.92
N GLY A 44 -2.45 -2.34 -9.50
CA GLY A 44 -3.41 -2.63 -8.41
C GLY A 44 -3.36 -1.34 -7.61
N TRP A 45 -3.20 -1.46 -6.34
CA TRP A 45 -3.13 -0.25 -5.41
C TRP A 45 -2.30 -0.73 -4.20
N CYS A 46 -1.72 0.10 -3.36
CA CYS A 46 -0.95 -0.46 -2.20
C CYS A 46 -1.75 -0.09 -1.00
N CYS A 47 -1.88 -1.10 -0.20
CA CYS A 47 -2.64 -0.97 1.05
C CYS A 47 -1.85 -1.61 2.15
N LYS A 48 -2.49 -1.68 3.28
CA LYS A 48 -1.82 -2.31 4.44
C LYS A 48 -2.91 -2.90 5.30
N LYS A 49 -2.46 -3.56 6.31
CA LYS A 49 -3.40 -4.21 7.28
C LYS A 49 -3.77 -3.14 8.34
N GLY A 1 1.02 -10.63 -1.77
CA GLY A 1 1.35 -9.28 -2.35
C GLY A 1 2.83 -8.95 -2.08
N VAL A 2 3.24 -7.82 -2.61
CA VAL A 2 4.65 -7.36 -2.44
C VAL A 2 4.55 -6.11 -1.57
N PRO A 3 5.39 -5.96 -0.59
CA PRO A 3 5.46 -4.73 0.26
C PRO A 3 6.03 -3.53 -0.50
N CYS A 4 5.40 -2.40 -0.34
CA CYS A 4 5.86 -1.16 -1.04
C CYS A 4 5.76 0.08 -0.12
N LEU A 5 6.23 1.19 -0.62
CA LEU A 5 6.18 2.44 0.18
C LEU A 5 4.93 3.12 -0.38
N CYS A 6 4.29 3.92 0.42
CA CYS A 6 3.06 4.59 -0.06
C CYS A 6 2.99 6.11 -0.21
N ASP A 7 1.89 6.69 0.19
CA ASP A 7 1.76 8.18 0.07
C ASP A 7 2.95 8.92 0.72
N SER A 8 3.59 8.27 1.66
CA SER A 8 4.75 8.89 2.36
C SER A 8 6.06 8.43 1.66
N ASP A 9 5.91 7.96 0.45
CA ASP A 9 7.06 7.48 -0.37
C ASP A 9 7.81 8.70 -0.87
N GLY A 10 8.53 9.26 0.06
CA GLY A 10 9.36 10.47 -0.21
C GLY A 10 10.47 10.57 0.83
N PRO A 11 10.18 11.14 1.97
CA PRO A 11 11.18 11.56 3.01
C PRO A 11 11.74 10.38 3.82
N ARG A 12 11.94 9.29 3.15
CA ARG A 12 12.46 8.07 3.84
C ARG A 12 13.78 7.64 3.18
N PRO A 13 14.80 7.36 3.95
CA PRO A 13 16.12 6.87 3.45
C PRO A 13 16.05 5.37 3.10
N ARG A 14 17.22 4.81 2.91
CA ARG A 14 17.33 3.36 2.55
C ARG A 14 17.03 2.55 3.82
N GLY A 15 16.65 1.32 3.64
CA GLY A 15 16.33 0.44 4.81
C GLY A 15 15.25 -0.55 4.40
N ASN A 16 14.26 0.00 3.73
CA ASN A 16 13.08 -0.76 3.22
C ASN A 16 12.13 -1.08 4.40
N THR A 17 11.29 -0.11 4.67
CA THR A 17 10.30 -0.22 5.78
C THR A 17 8.96 -0.73 5.21
N LEU A 18 8.50 -1.85 5.71
CA LEU A 18 7.19 -2.42 5.23
C LEU A 18 6.02 -1.51 5.59
N SER A 19 5.74 -0.56 4.72
CA SER A 19 4.62 0.40 4.96
C SER A 19 3.27 -0.08 4.39
N GLY A 20 3.25 -1.04 3.50
CA GLY A 20 1.93 -1.50 2.95
C GLY A 20 2.09 -2.66 1.99
N ILE A 21 1.10 -3.51 1.86
CA ILE A 21 1.28 -4.65 0.90
C ILE A 21 0.53 -4.28 -0.37
N LEU A 22 1.14 -4.54 -1.48
CA LEU A 22 0.56 -4.25 -2.80
C LEU A 22 -0.71 -5.09 -2.96
N TRP A 23 -1.74 -4.46 -3.46
CA TRP A 23 -3.02 -5.16 -3.67
C TRP A 23 -3.64 -5.10 -5.05
N PHE A 24 -4.05 -6.29 -5.35
CA PHE A 24 -4.71 -6.70 -6.61
C PHE A 24 -6.24 -6.57 -6.58
N TYR A 25 -6.77 -5.52 -6.01
CA TYR A 25 -8.25 -5.36 -5.96
C TYR A 25 -8.75 -4.18 -6.74
N PRO A 26 -9.61 -4.46 -7.68
CA PRO A 26 -10.10 -3.44 -8.63
C PRO A 26 -10.87 -2.36 -7.85
N SER A 27 -11.34 -2.75 -6.71
CA SER A 27 -12.12 -1.85 -5.80
C SER A 27 -11.23 -1.16 -4.75
N GLY A 28 -9.94 -1.29 -4.91
CA GLY A 28 -8.98 -0.66 -3.96
C GLY A 28 -8.30 -1.79 -3.19
N CYS A 29 -8.48 -1.81 -1.90
CA CYS A 29 -7.88 -2.85 -1.06
C CYS A 29 -8.94 -3.92 -0.83
N PRO A 30 -8.53 -5.11 -0.47
CA PRO A 30 -9.46 -6.17 0.00
C PRO A 30 -9.91 -5.95 1.45
N SER A 31 -11.02 -6.58 1.76
CA SER A 31 -11.61 -6.49 3.11
C SER A 31 -10.55 -6.80 4.15
N GLY A 32 -10.38 -5.84 5.00
CA GLY A 32 -9.38 -5.93 6.11
C GLY A 32 -8.21 -4.99 5.89
N TRP A 33 -8.20 -4.36 4.74
CA TRP A 33 -7.11 -3.41 4.40
C TRP A 33 -7.76 -2.05 4.32
N HIS A 34 -6.97 -1.02 4.47
CA HIS A 34 -7.54 0.35 4.41
C HIS A 34 -6.61 1.31 3.65
N ASN A 35 -6.01 0.74 2.63
CA ASN A 35 -5.06 1.48 1.72
C ASN A 35 -3.81 2.05 2.42
N CYS A 36 -2.76 2.14 1.64
CA CYS A 36 -1.45 2.67 2.12
C CYS A 36 -1.09 3.82 1.17
N LYS A 37 -1.21 3.52 -0.09
CA LYS A 37 -0.92 4.49 -1.17
C LYS A 37 -2.25 4.77 -1.86
N ALA A 38 -2.78 5.92 -1.52
CA ALA A 38 -4.08 6.38 -2.09
C ALA A 38 -3.77 7.15 -3.38
N HIS A 39 -2.59 6.91 -3.87
CA HIS A 39 -2.11 7.58 -5.12
C HIS A 39 -1.59 6.52 -6.08
N GLY A 40 -2.26 5.39 -6.10
CA GLY A 40 -1.86 4.27 -7.01
C GLY A 40 -1.00 3.26 -6.25
N PRO A 41 -0.20 2.47 -6.92
CA PRO A 41 0.01 2.41 -8.41
C PRO A 41 -1.19 1.75 -9.13
N ASN A 42 -1.12 1.57 -10.43
CA ASN A 42 -2.25 0.93 -11.17
C ASN A 42 -1.93 -0.53 -11.19
N ILE A 43 -0.72 -0.81 -10.81
CA ILE A 43 -0.24 -2.19 -10.79
C ILE A 43 -0.57 -2.86 -9.44
N GLY A 44 -1.63 -2.36 -8.89
CA GLY A 44 -2.13 -2.84 -7.57
C GLY A 44 -2.02 -1.70 -6.58
N TRP A 45 -3.08 -1.44 -5.89
CA TRP A 45 -3.04 -0.31 -4.89
C TRP A 45 -2.20 -0.82 -3.72
N CYS A 46 -1.26 -0.08 -3.17
CA CYS A 46 -0.51 -0.68 -2.03
C CYS A 46 -1.40 -0.28 -0.86
N CYS A 47 -1.71 -1.28 -0.08
CA CYS A 47 -2.58 -1.10 1.11
C CYS A 47 -1.97 -1.63 2.36
N LYS A 48 -2.73 -1.56 3.40
CA LYS A 48 -2.27 -2.03 4.68
C LYS A 48 -3.44 -2.52 5.51
N LYS A 49 -3.12 -3.47 6.35
CA LYS A 49 -4.16 -4.06 7.25
C LYS A 49 -4.30 -3.18 8.51
#